data_4HQH
# 
_entry.id   4HQH 
# 
_audit_conform.dict_name       mmcif_pdbx.dic 
_audit_conform.dict_version    5.379 
_audit_conform.dict_location   http://mmcif.pdb.org/dictionaries/ascii/mmcif_pdbx.dic 
# 
loop_
_database_2.database_id 
_database_2.database_code 
_database_2.pdbx_database_accession 
_database_2.pdbx_DOI 
PDB   4HQH         pdb_00004hqh 10.2210/pdb4hqh/pdb 
NDB   NA2099       ?            ?                   
RCSB  RCSB075792   ?            ?                   
WWPDB D_1000075792 ?            ?                   
# 
_pdbx_database_status.status_code                     REL 
_pdbx_database_status.entry_id                        4HQH 
_pdbx_database_status.recvd_initial_deposition_date   2012-10-25 
_pdbx_database_status.deposit_site                    RCSB 
_pdbx_database_status.process_site                    RCSB 
_pdbx_database_status.status_code_sf                  REL 
_pdbx_database_status.status_code_mr                  ? 
_pdbx_database_status.SG_entry                        ? 
_pdbx_database_status.status_code_cs                  ? 
_pdbx_database_status.methods_development_category    ? 
_pdbx_database_status.pdb_format_compatible           Y 
_pdbx_database_status.status_code_nmr_data            ? 
# 
loop_
_audit_author.name 
_audit_author.pdbx_ordinal 
'Seth, P.P.'   1 
'Pallan, P.S.' 2 
'Swayze, E.E.' 3 
'Egli, M.'     4 
# 
_citation.id                        primary 
_citation.title                     'Properties of a Fluorinated Carbocyclic LNA Analog' 
_citation.journal_abbrev            'To be Published' 
_citation.journal_volume            ? 
_citation.page_first                ? 
_citation.page_last                 ? 
_citation.year                      ? 
_citation.journal_id_ASTM           ? 
_citation.country                   ? 
_citation.journal_id_ISSN           ? 
_citation.journal_id_CSD            0353 
_citation.book_publisher            ? 
_citation.pdbx_database_id_PubMed   ? 
_citation.pdbx_database_id_DOI      ? 
# 
loop_
_citation_author.citation_id 
_citation_author.name 
_citation_author.ordinal 
_citation_author.identifier_ORCID 
primary 'Seth, P.P.'   1 ? 
primary 'Pallan, P.S.' 2 ? 
primary 'Swayze, E.E.' 3 ? 
primary 'Egli, M.'     4 ? 
# 
_cell.entry_id           4HQH 
_cell.length_a           26.115 
_cell.length_b           43.859 
_cell.length_c           45.787 
_cell.angle_alpha        90.00 
_cell.angle_beta         90.00 
_cell.angle_gamma        90.00 
_cell.Z_PDB              8 
_cell.pdbx_unique_axis   ? 
_cell.length_a_esd       ? 
_cell.length_b_esd       ? 
_cell.length_c_esd       ? 
_cell.angle_alpha_esd    ? 
_cell.angle_beta_esd     ? 
_cell.angle_gamma_esd    ? 
# 
_symmetry.entry_id                         4HQH 
_symmetry.space_group_name_H-M             'P 21 21 21' 
_symmetry.pdbx_full_space_group_name_H-M   ? 
_symmetry.cell_setting                     ? 
_symmetry.Int_Tables_number                19 
_symmetry.space_group_name_Hall            ? 
# 
loop_
_entity.id 
_entity.type 
_entity.src_method 
_entity.pdbx_description 
_entity.formula_weight 
_entity.pdbx_number_of_molecules 
_entity.pdbx_ec 
_entity.pdbx_mutation 
_entity.pdbx_fragment 
_entity.details 
1 polymer syn 
;DNA (5'-D(*GP*CP*GP*TP*AP*(ULF)P*AP*CP*GP*C)-3')
;
3075.007 2  ? ? ? ? 
2 water   nat water                                              18.015   68 ? ? ? ? 
# 
_entity_poly.entity_id                      1 
_entity_poly.type                           polydeoxyribonucleotide 
_entity_poly.nstd_linkage                   no 
_entity_poly.nstd_monomer                   yes 
_entity_poly.pdbx_seq_one_letter_code       '(DG)(DC)(DG)(DT)(DA)(ULF)(DA)(DC)(DG)(DC)' 
_entity_poly.pdbx_seq_one_letter_code_can   GCGTAXACGC 
_entity_poly.pdbx_strand_id                 A,B 
_entity_poly.pdbx_target_identifier         ? 
# 
loop_
_entity_poly_seq.entity_id 
_entity_poly_seq.num 
_entity_poly_seq.mon_id 
_entity_poly_seq.hetero 
1 1  DG  n 
1 2  DC  n 
1 3  DG  n 
1 4  DT  n 
1 5  DA  n 
1 6  ULF n 
1 7  DA  n 
1 8  DC  n 
1 9  DG  n 
1 10 DC  n 
# 
_pdbx_entity_src_syn.entity_id              1 
_pdbx_entity_src_syn.pdbx_src_id            1 
_pdbx_entity_src_syn.pdbx_alt_source_flag   sample 
_pdbx_entity_src_syn.pdbx_beg_seq_num       ? 
_pdbx_entity_src_syn.pdbx_end_seq_num       ? 
_pdbx_entity_src_syn.organism_scientific    'synthetic construct' 
_pdbx_entity_src_syn.organism_common_name   ? 
_pdbx_entity_src_syn.ncbi_taxonomy_id       32630 
_pdbx_entity_src_syn.details                ? 
# 
_struct_ref.id                         1 
_struct_ref.db_name                    PDB 
_struct_ref.db_code                    4HQH 
_struct_ref.pdbx_db_accession          4HQH 
_struct_ref.entity_id                  1 
_struct_ref.pdbx_align_begin           ? 
_struct_ref.pdbx_seq_one_letter_code   ? 
_struct_ref.pdbx_db_isoform            ? 
# 
loop_
_struct_ref_seq.align_id 
_struct_ref_seq.ref_id 
_struct_ref_seq.pdbx_PDB_id_code 
_struct_ref_seq.pdbx_strand_id 
_struct_ref_seq.seq_align_beg 
_struct_ref_seq.pdbx_seq_align_beg_ins_code 
_struct_ref_seq.seq_align_end 
_struct_ref_seq.pdbx_seq_align_end_ins_code 
_struct_ref_seq.pdbx_db_accession 
_struct_ref_seq.db_align_beg 
_struct_ref_seq.pdbx_db_align_beg_ins_code 
_struct_ref_seq.db_align_end 
_struct_ref_seq.pdbx_db_align_end_ins_code 
_struct_ref_seq.pdbx_auth_seq_align_beg 
_struct_ref_seq.pdbx_auth_seq_align_end 
1 1 4HQH A 1 ? 10 ? 4HQH 1  ? 10 ? 1  10 
2 1 4HQH B 1 ? 10 ? 4HQH 11 ? 20 ? 11 20 
# 
loop_
_chem_comp.id 
_chem_comp.type 
_chem_comp.mon_nstd_flag 
_chem_comp.name 
_chem_comp.pdbx_synonyms 
_chem_comp.formula 
_chem_comp.formula_weight 
DA  'DNA linking' y "2'-DEOXYADENOSINE-5'-MONOPHOSPHATE" ? 'C10 H14 N5 O6 P'   331.222 
DC  'DNA linking' y "2'-DEOXYCYTIDINE-5'-MONOPHOSPHATE" ? 'C9 H14 N3 O7 P'    307.197 
DG  'DNA linking' y "2'-DEOXYGUANOSINE-5'-MONOPHOSPHATE" ? 'C10 H14 N5 O7 P'   347.221 
DT  'DNA linking' y "THYMIDINE-5'-MONOPHOSPHATE" ? 'C10 H15 N2 O8 P'   322.208 
HOH non-polymer   . WATER ? 'H2 O'              18.015  
ULF non-polymer   . 
;[(1R,3R,4R,5R,7S)-3-(2,4-dioxo-3,4-dihydropyrimidin-1(2H)-yl)-5-fluoro-7-hydroxy-2-oxabicyclo[2.2.1]hept-1-yl]methyl dihydrogen phosphate
;
? 'C11 H14 F N2 O8 P' 352.210 
# 
_exptl.entry_id          4HQH 
_exptl.method            'X-RAY DIFFRACTION' 
_exptl.crystals_number   1 
# 
_exptl_crystal.id                    1 
_exptl_crystal.density_meas          ? 
_exptl_crystal.density_Matthews      2.13 
_exptl_crystal.density_percent_sol   42.30 
_exptl_crystal.description           ? 
_exptl_crystal.F_000                 ? 
_exptl_crystal.preparation           ? 
# 
_exptl_crystal_grow.crystal_id      1 
_exptl_crystal_grow.method          'VAPOR DIFFUSION, HANGING DROP' 
_exptl_crystal_grow.temp            291 
_exptl_crystal_grow.temp_details    ? 
_exptl_crystal_grow.pH              7.0 
_exptl_crystal_grow.pdbx_details    
;20 mM sodium cacodylate, pH 7.0, 40 mM potassium chloride, 6 mM Sodium Chloride, 6 mM spermine tetrahydrochloride, and 5% v/v 2-Methyl-2,4-pentanediol (MPD), VAPOR DIFFUSION, HANGING DROP, temperature 291K
;
_exptl_crystal_grow.pdbx_pH_range   ? 
# 
_diffrn.id                     1 
_diffrn.ambient_temp           100 
_diffrn.ambient_temp_details   ? 
_diffrn.crystal_id             1 
# 
_diffrn_detector.diffrn_id              1 
_diffrn_detector.detector               CCD 
_diffrn_detector.type                   'MARMOSAIC 300 mm CCD' 
_diffrn_detector.pdbx_collection_date   2010-02-14 
_diffrn_detector.details                ? 
# 
_diffrn_radiation.diffrn_id                        1 
_diffrn_radiation.wavelength_id                    1 
_diffrn_radiation.pdbx_monochromatic_or_laue_m_l   M 
_diffrn_radiation.monochromator                    'Si(111)' 
_diffrn_radiation.pdbx_diffrn_protocol             'SINGLE WAVELENGTH' 
_diffrn_radiation.pdbx_scattering_type             x-ray 
# 
_diffrn_radiation_wavelength.id           1 
_diffrn_radiation_wavelength.wavelength   1.0079 
_diffrn_radiation_wavelength.wt           1.0 
# 
_diffrn_source.diffrn_id                   1 
_diffrn_source.source                      SYNCHROTRON 
_diffrn_source.type                        'APS BEAMLINE 21-ID-D' 
_diffrn_source.pdbx_synchrotron_site       APS 
_diffrn_source.pdbx_synchrotron_beamline   21-ID-D 
_diffrn_source.pdbx_wavelength             ? 
_diffrn_source.pdbx_wavelength_list        1.0079 
# 
_reflns.entry_id                     4HQH 
_reflns.observed_criterion_sigma_I   5 
_reflns.observed_criterion_sigma_F   ? 
_reflns.d_resolution_low             31.67 
_reflns.d_resolution_high            1.80 
_reflns.number_obs                   4674 
_reflns.number_all                   ? 
_reflns.percent_possible_obs         97.3 
_reflns.pdbx_Rmerge_I_obs            0.043 
_reflns.pdbx_Rsym_value              ? 
_reflns.pdbx_netI_over_sigmaI        35.35 
_reflns.B_iso_Wilson_estimate        ? 
_reflns.pdbx_redundancy              6.0 
_reflns.R_free_details               ? 
_reflns.limit_h_max                  ? 
_reflns.limit_h_min                  ? 
_reflns.limit_k_max                  ? 
_reflns.limit_k_min                  ? 
_reflns.limit_l_max                  ? 
_reflns.limit_l_min                  ? 
_reflns.observed_criterion_F_max     ? 
_reflns.observed_criterion_F_min     ? 
_reflns.pdbx_chi_squared             ? 
_reflns.pdbx_scaling_rejects         ? 
_reflns.pdbx_ordinal                 1 
_reflns.pdbx_diffrn_id               1 
# 
_reflns_shell.d_res_high             1.80 
_reflns_shell.d_res_low              1.85 
_reflns_shell.percent_possible_all   75.5 
_reflns_shell.Rmerge_I_obs           0.31 
_reflns_shell.pdbx_Rsym_value        ? 
_reflns_shell.meanI_over_sigI_obs    4.4 
_reflns_shell.pdbx_redundancy        6.0 
_reflns_shell.percent_possible_obs   ? 
_reflns_shell.number_unique_all      244 
_reflns_shell.number_measured_all    ? 
_reflns_shell.number_measured_obs    ? 
_reflns_shell.number_unique_obs      ? 
_reflns_shell.pdbx_chi_squared       ? 
_reflns_shell.pdbx_ordinal           1 
_reflns_shell.pdbx_diffrn_id         1 
# 
_refine.entry_id                                 4HQH 
_refine.ls_number_reflns_obs                     4674 
_refine.ls_number_reflns_all                     ? 
_refine.pdbx_ls_sigma_I                          5.0 
_refine.pdbx_ls_sigma_F                          ? 
_refine.pdbx_data_cutoff_high_absF               ? 
_refine.pdbx_data_cutoff_low_absF                ? 
_refine.pdbx_data_cutoff_high_rms_absF           ? 
_refine.ls_d_res_low                             31.67 
_refine.ls_d_res_high                            1.80 
_refine.ls_percent_reflns_obs                    97.34 
_refine.ls_R_factor_obs                          0.20165 
_refine.ls_R_factor_all                          ? 
_refine.ls_R_factor_R_work                       0.19802 
_refine.ls_R_factor_R_free                       0.24609 
_refine.ls_R_factor_R_free_error                 ? 
_refine.ls_R_factor_R_free_error_details         ? 
_refine.ls_percent_reflns_R_free                 7.5 
_refine.ls_number_reflns_R_free                  380 
_refine.ls_number_parameters                     ? 
_refine.ls_number_restraints                     ? 
_refine.occupancy_min                            ? 
_refine.occupancy_max                            ? 
_refine.correlation_coeff_Fo_to_Fc               0.951 
_refine.correlation_coeff_Fo_to_Fc_free          0.930 
_refine.B_iso_mean                               17.861 
_refine.aniso_B[1][1]                            -0.44 
_refine.aniso_B[2][2]                            0.37 
_refine.aniso_B[3][3]                            0.08 
_refine.aniso_B[1][2]                            0.00 
_refine.aniso_B[1][3]                            0.00 
_refine.aniso_B[2][3]                            0.00 
_refine.solvent_model_details                    MASK 
_refine.solvent_model_param_ksol                 ? 
_refine.solvent_model_param_bsol                 ? 
_refine.pdbx_solvent_vdw_probe_radii             1.20 
_refine.pdbx_solvent_ion_probe_radii             0.80 
_refine.pdbx_solvent_shrinkage_radii             0.80 
_refine.pdbx_ls_cross_valid_method               THROUGHOUT 
_refine.details                                  'HYDROGENS HAVE BEEN USED IF PRESENT IN THE INPUT' 
_refine.pdbx_starting_model                      'PDB ID 3EY2' 
_refine.pdbx_method_to_determine_struct          'MOL REP CCP4' 
_refine.pdbx_isotropic_thermal_model             ? 
_refine.pdbx_stereochemistry_target_values       'MAXIMUM LIKELIHOOD' 
_refine.pdbx_stereochem_target_val_spec_case     ? 
_refine.pdbx_R_Free_selection_details            RANDOM 
_refine.pdbx_overall_ESU_R                       0.154 
_refine.pdbx_overall_ESU_R_Free                  0.147 
_refine.overall_SU_ML                            0.091 
_refine.pdbx_overall_phase_error                 ? 
_refine.overall_SU_B                             2.844 
_refine.overall_SU_R_Cruickshank_DPI             ? 
_refine.ls_redundancy_reflns_obs                 ? 
_refine.B_iso_min                                ? 
_refine.B_iso_max                                ? 
_refine.overall_SU_R_free                        ? 
_refine.ls_wR_factor_R_free                      ? 
_refine.ls_wR_factor_R_work                      ? 
_refine.overall_FOM_free_R_set                   ? 
_refine.overall_FOM_work_R_set                   ? 
_refine.pdbx_diffrn_id                           1 
_refine.pdbx_refine_id                           'X-RAY DIFFRACTION' 
_refine.pdbx_TLS_residual_ADP_flag               ? 
_refine.pdbx_overall_SU_R_free_Cruickshank_DPI   ? 
_refine.pdbx_overall_SU_R_Blow_DPI               ? 
_refine.pdbx_overall_SU_R_free_Blow_DPI          ? 
# 
_refine_hist.pdbx_refine_id                   'X-RAY DIFFRACTION' 
_refine_hist.cycle_id                         LAST 
_refine_hist.pdbx_number_atoms_protein        0 
_refine_hist.pdbx_number_atoms_nucleic_acid   408 
_refine_hist.pdbx_number_atoms_ligand         0 
_refine_hist.number_atoms_solvent             68 
_refine_hist.number_atoms_total               476 
_refine_hist.d_res_high                       1.80 
_refine_hist.d_res_low                        31.67 
# 
loop_
_refine_ls_restr.type 
_refine_ls_restr.dev_ideal 
_refine_ls_restr.dev_ideal_target 
_refine_ls_restr.weight 
_refine_ls_restr.number 
_refine_ls_restr.pdbx_restraint_function 
_refine_ls_restr.pdbx_refine_id 
r_bond_refined_d     0.014 0.012 ? 458 ? 'X-RAY DIFFRACTION' 
r_angle_refined_deg  2.697 1.503 ? 704 ? 'X-RAY DIFFRACTION' 
r_chiral_restr       0.149 0.200 ? 64  ? 'X-RAY DIFFRACTION' 
r_gen_planes_refined 0.019 0.020 ? 208 ? 'X-RAY DIFFRACTION' 
# 
_refine_ls_shell.pdbx_total_number_of_bins_used   20 
_refine_ls_shell.d_res_high                       1.804 
_refine_ls_shell.d_res_low                        1.851 
_refine_ls_shell.number_reflns_R_work             244 
_refine_ls_shell.R_factor_R_work                  0.214 
_refine_ls_shell.percent_reflns_obs               75.77 
_refine_ls_shell.R_factor_R_free                  0.324 
_refine_ls_shell.R_factor_R_free_error            ? 
_refine_ls_shell.percent_reflns_R_free            ? 
_refine_ls_shell.number_reflns_R_free             25 
_refine_ls_shell.number_reflns_all                ? 
_refine_ls_shell.R_factor_all                     ? 
_refine_ls_shell.number_reflns_obs                244 
_refine_ls_shell.redundancy_reflns_obs            ? 
_refine_ls_shell.pdbx_refine_id                   'X-RAY DIFFRACTION' 
# 
_struct.entry_id                  4HQH 
_struct.title                     'Decamer Fluoro Carbocyclic LNA (R-F-cLNA) crystal structure' 
_struct.pdbx_model_details        ? 
_struct.pdbx_CASP_flag            ? 
_struct.pdbx_model_type_details   ? 
# 
_struct_keywords.entry_id        4HQH 
_struct_keywords.pdbx_keywords   DNA 
_struct_keywords.text            'A-form DNA, carbocyclic LNA, cLNA, R-F-cLNA, DNA' 
# 
loop_
_struct_asym.id 
_struct_asym.pdbx_blank_PDB_chainid_flag 
_struct_asym.pdbx_modified 
_struct_asym.entity_id 
_struct_asym.details 
A N N 1 ? 
B N N 1 ? 
C N N 2 ? 
D N N 2 ? 
# 
_struct_biol.id        1 
_struct_biol.details   ? 
# 
loop_
_struct_conn.id 
_struct_conn.conn_type_id 
_struct_conn.pdbx_leaving_atom_flag 
_struct_conn.pdbx_PDB_id 
_struct_conn.ptnr1_label_asym_id 
_struct_conn.ptnr1_label_comp_id 
_struct_conn.ptnr1_label_seq_id 
_struct_conn.ptnr1_label_atom_id 
_struct_conn.pdbx_ptnr1_label_alt_id 
_struct_conn.pdbx_ptnr1_PDB_ins_code 
_struct_conn.pdbx_ptnr1_standard_comp_id 
_struct_conn.ptnr1_symmetry 
_struct_conn.ptnr2_label_asym_id 
_struct_conn.ptnr2_label_comp_id 
_struct_conn.ptnr2_label_seq_id 
_struct_conn.ptnr2_label_atom_id 
_struct_conn.pdbx_ptnr2_label_alt_id 
_struct_conn.pdbx_ptnr2_PDB_ins_code 
_struct_conn.ptnr1_auth_asym_id 
_struct_conn.ptnr1_auth_comp_id 
_struct_conn.ptnr1_auth_seq_id 
_struct_conn.ptnr2_auth_asym_id 
_struct_conn.ptnr2_auth_comp_id 
_struct_conn.ptnr2_auth_seq_id 
_struct_conn.ptnr2_symmetry 
_struct_conn.pdbx_ptnr3_label_atom_id 
_struct_conn.pdbx_ptnr3_label_seq_id 
_struct_conn.pdbx_ptnr3_label_comp_id 
_struct_conn.pdbx_ptnr3_label_asym_id 
_struct_conn.pdbx_ptnr3_label_alt_id 
_struct_conn.pdbx_ptnr3_PDB_ins_code 
_struct_conn.details 
_struct_conn.pdbx_dist_value 
_struct_conn.pdbx_value_order 
_struct_conn.pdbx_role 
covale1  covale both ? A DA 5  "O3'" ? ? ? 1_555 A ULF 6  P  ? ? A DA 5  A ULF 6  1_555 ? ? ? ? ? ? ?            1.589 ? ? 
covale2  covale both ? B DA 5  "O3'" ? ? ? 1_555 B ULF 6  P  ? ? B DA 15 B ULF 16 1_555 ? ? ? ? ? ? ?            1.596 ? ? 
hydrog1  hydrog ?    ? A DG 1  N1    ? ? ? 1_555 B DC  10 N3 ? ? A DG 1  B DC  20 1_555 ? ? ? ? ? ? WATSON-CRICK ?     ? ? 
hydrog2  hydrog ?    ? A DG 1  N2    ? ? ? 1_555 B DC  10 O2 ? ? A DG 1  B DC  20 1_555 ? ? ? ? ? ? WATSON-CRICK ?     ? ? 
hydrog3  hydrog ?    ? A DG 1  O6    ? ? ? 1_555 B DC  10 N4 ? ? A DG 1  B DC  20 1_555 ? ? ? ? ? ? WATSON-CRICK ?     ? ? 
hydrog4  hydrog ?    ? A DC 2  N3    ? ? ? 1_555 B DG  9  N1 ? ? A DC 2  B DG  19 1_555 ? ? ? ? ? ? WATSON-CRICK ?     ? ? 
hydrog5  hydrog ?    ? A DC 2  N4    ? ? ? 1_555 B DG  9  O6 ? ? A DC 2  B DG  19 1_555 ? ? ? ? ? ? WATSON-CRICK ?     ? ? 
hydrog6  hydrog ?    ? A DC 2  O2    ? ? ? 1_555 B DG  9  N2 ? ? A DC 2  B DG  19 1_555 ? ? ? ? ? ? WATSON-CRICK ?     ? ? 
hydrog7  hydrog ?    ? A DG 3  N1    ? ? ? 1_555 B DC  8  N3 ? ? A DG 3  B DC  18 1_555 ? ? ? ? ? ? WATSON-CRICK ?     ? ? 
hydrog8  hydrog ?    ? A DG 3  N2    ? ? ? 1_555 B DC  8  O2 ? ? A DG 3  B DC  18 1_555 ? ? ? ? ? ? WATSON-CRICK ?     ? ? 
hydrog9  hydrog ?    ? A DG 3  O6    ? ? ? 1_555 B DC  8  N4 ? ? A DG 3  B DC  18 1_555 ? ? ? ? ? ? WATSON-CRICK ?     ? ? 
hydrog10 hydrog ?    ? A DT 4  N3    ? ? ? 1_555 B DA  7  N1 ? ? A DT 4  B DA  17 1_555 ? ? ? ? ? ? WATSON-CRICK ?     ? ? 
hydrog11 hydrog ?    ? A DT 4  O4    ? ? ? 1_555 B DA  7  N6 ? ? A DT 4  B DA  17 1_555 ? ? ? ? ? ? WATSON-CRICK ?     ? ? 
hydrog12 hydrog ?    ? A DA 7  N1    ? ? ? 1_555 B DT  4  N3 ? ? A DA 7  B DT  14 1_555 ? ? ? ? ? ? WATSON-CRICK ?     ? ? 
hydrog13 hydrog ?    ? A DA 7  N6    ? ? ? 1_555 B DT  4  O4 ? ? A DA 7  B DT  14 1_555 ? ? ? ? ? ? WATSON-CRICK ?     ? ? 
hydrog14 hydrog ?    ? A DC 8  N3    ? ? ? 1_555 B DG  3  N1 ? ? A DC 8  B DG  13 1_555 ? ? ? ? ? ? WATSON-CRICK ?     ? ? 
hydrog15 hydrog ?    ? A DC 8  N4    ? ? ? 1_555 B DG  3  O6 ? ? A DC 8  B DG  13 1_555 ? ? ? ? ? ? WATSON-CRICK ?     ? ? 
hydrog16 hydrog ?    ? A DC 8  O2    ? ? ? 1_555 B DG  3  N2 ? ? A DC 8  B DG  13 1_555 ? ? ? ? ? ? WATSON-CRICK ?     ? ? 
hydrog17 hydrog ?    ? A DG 9  N1    ? ? ? 1_555 B DC  2  N3 ? ? A DG 9  B DC  12 1_555 ? ? ? ? ? ? WATSON-CRICK ?     ? ? 
hydrog18 hydrog ?    ? A DG 9  N2    ? ? ? 1_555 B DC  2  O2 ? ? A DG 9  B DC  12 1_555 ? ? ? ? ? ? WATSON-CRICK ?     ? ? 
hydrog19 hydrog ?    ? A DG 9  O6    ? ? ? 1_555 B DC  2  N4 ? ? A DG 9  B DC  12 1_555 ? ? ? ? ? ? WATSON-CRICK ?     ? ? 
hydrog20 hydrog ?    ? A DC 10 N3    ? ? ? 1_555 B DG  1  N1 ? ? A DC 10 B DG  11 1_555 ? ? ? ? ? ? WATSON-CRICK ?     ? ? 
hydrog21 hydrog ?    ? A DC 10 N4    ? ? ? 1_555 B DG  1  O6 ? ? A DC 10 B DG  11 1_555 ? ? ? ? ? ? WATSON-CRICK ?     ? ? 
hydrog22 hydrog ?    ? A DC 10 O2    ? ? ? 1_555 B DG  1  N2 ? ? A DC 10 B DG  11 1_555 ? ? ? ? ? ? WATSON-CRICK ?     ? ? 
# 
loop_
_struct_conn_type.id 
_struct_conn_type.criteria 
_struct_conn_type.reference 
covale ? ? 
hydrog ? ? 
# 
_atom_sites.entry_id                    4HQH 
_atom_sites.fract_transf_matrix[1][1]   -0.00682255 
_atom_sites.fract_transf_matrix[1][2]   -0.01029060 
_atom_sites.fract_transf_matrix[1][3]   -0.03624684 
_atom_sites.fract_transf_matrix[2][1]   -0.00315515 
_atom_sites.fract_transf_matrix[2][2]   0.02187125 
_atom_sites.fract_transf_matrix[2][3]   -0.00561545 
_atom_sites.fract_transf_matrix[3][1]   0.02127697 
_atom_sites.fract_transf_matrix[3][2]   0.00190249 
_atom_sites.fract_transf_matrix[3][3]   -0.00454498 
_atom_sites.fract_transf_vector[1]      -0.146733 
_atom_sites.fract_transf_vector[2]      -0.029105 
_atom_sites.fract_transf_vector[3]      0.223982 
# 
loop_
_atom_type.symbol 
C 
F 
N 
O 
P 
# 
loop_
_atom_site.group_PDB 
_atom_site.id 
_atom_site.type_symbol 
_atom_site.label_atom_id 
_atom_site.label_alt_id 
_atom_site.label_comp_id 
_atom_site.label_asym_id 
_atom_site.label_entity_id 
_atom_site.label_seq_id 
_atom_site.pdbx_PDB_ins_code 
_atom_site.Cartn_x 
_atom_site.Cartn_y 
_atom_site.Cartn_z 
_atom_site.occupancy 
_atom_site.B_iso_or_equiv 
_atom_site.pdbx_formal_charge 
_atom_site.auth_seq_id 
_atom_site.auth_comp_id 
_atom_site.auth_asym_id 
_atom_site.auth_atom_id 
_atom_site.pdbx_PDB_model_num 
ATOM   1   O "O5'" . DG  A 1 1  ? 2.767   7.893   -9.480  1.00 22.28 ? 1   DG  A "O5'" 1 
ATOM   2   C "C5'" . DG  A 1 1  ? 3.450   9.140   -9.178  1.00 21.64 ? 1   DG  A "C5'" 1 
ATOM   3   C "C4'" . DG  A 1 1  ? 2.471   10.215  -8.742  1.00 19.97 ? 1   DG  A "C4'" 1 
ATOM   4   O "O4'" . DG  A 1 1  ? 1.376   10.366  -9.679  1.00 21.01 ? 1   DG  A "O4'" 1 
ATOM   5   C "C3'" . DG  A 1 1  ? 1.801   9.935   -7.409  1.00 19.77 ? 1   DG  A "C3'" 1 
ATOM   6   O "O3'" . DG  A 1 1  ? 2.649   10.384  -6.378  1.00 18.26 ? 1   DG  A "O3'" 1 
ATOM   7   C "C2'" . DG  A 1 1  ? 0.551   10.798  -7.486  1.00 16.47 ? 1   DG  A "C2'" 1 
ATOM   8   C "C1'" . DG  A 1 1  ? 0.158   10.566  -8.929  1.00 17.46 ? 1   DG  A "C1'" 1 
ATOM   9   N N9    . DG  A 1 1  ? -0.709  9.405   -9.140  1.00 15.43 ? 1   DG  A N9    1 
ATOM   10  C C8    . DG  A 1 1  ? -0.449  8.234   -9.815  1.00 15.92 ? 1   DG  A C8    1 
ATOM   11  N N7    . DG  A 1 1  ? -1.488  7.443   -9.887  1.00 15.28 ? 1   DG  A N7    1 
ATOM   12  C C5    . DG  A 1 1  ? -2.502  8.157   -9.253  1.00 15.36 ? 1   DG  A C5    1 
ATOM   13  C C6    . DG  A 1 1  ? -3.862  7.821   -9.024  1.00 16.23 ? 1   DG  A C6    1 
ATOM   14  O O6    . DG  A 1 1  ? -4.471  6.801   -9.359  1.00 15.28 ? 1   DG  A O6    1 
ATOM   15  N N1    . DG  A 1 1  ? -4.526  8.829   -8.324  1.00 15.01 ? 1   DG  A N1    1 
ATOM   16  C C2    . DG  A 1 1  ? -3.965  10.018  -7.929  1.00 14.77 ? 1   DG  A C2    1 
ATOM   17  N N2    . DG  A 1 1  ? -4.774  10.884  -7.285  1.00 13.97 ? 1   DG  A N2    1 
ATOM   18  N N3    . DG  A 1 1  ? -2.704  10.347  -8.152  1.00 14.08 ? 1   DG  A N3    1 
ATOM   19  C C4    . DG  A 1 1  ? -2.043  9.385   -8.830  1.00 15.40 ? 1   DG  A C4    1 
ATOM   20  P P     . DC  A 1 2  ? 2.769   9.576   -5.009  1.00 24.41 ? 2   DC  A P     1 
ATOM   21  O OP1   . DC  A 1 2  ? 3.784   10.193  -4.138  1.00 21.99 ? 2   DC  A OP1   1 
ATOM   22  O OP2   . DC  A 1 2  ? 2.940   8.190   -5.521  1.00 19.20 ? 2   DC  A OP2   1 
ATOM   23  O "O5'" . DC  A 1 2  ? 1.387   9.766   -4.226  1.00 21.68 ? 2   DC  A "O5'" 1 
ATOM   24  C "C5'" . DC  A 1 2  ? 1.043   11.037  -3.640  1.00 21.44 ? 2   DC  A "C5'" 1 
ATOM   25  C "C4'" . DC  A 1 2  ? -0.442  11.109  -3.388  1.00 19.49 ? 2   DC  A "C4'" 1 
ATOM   26  O "O4'" . DC  A 1 2  ? -1.162  10.832  -4.601  1.00 19.29 ? 2   DC  A "O4'" 1 
ATOM   27  C "C3'" . DC  A 1 2  ? -0.948  10.045  -2.418  1.00 21.42 ? 2   DC  A "C3'" 1 
ATOM   28  O "O3'" . DC  A 1 2  ? -0.673  10.338  -1.039  1.00 24.09 ? 2   DC  A "O3'" 1 
ATOM   29  C "C2'" . DC  A 1 2  ? -2.432  10.078  -2.730  1.00 20.43 ? 2   DC  A "C2'" 1 
ATOM   30  C "C1'" . DC  A 1 2  ? -2.392  10.170  -4.245  1.00 18.48 ? 2   DC  A "C1'" 1 
ATOM   31  N N1    . DC  A 1 2  ? -2.448  8.848   -4.896  1.00 14.40 ? 2   DC  A N1    1 
ATOM   32  C C2    . DC  A 1 2  ? -3.703  8.236   -4.928  1.00 16.28 ? 2   DC  A C2    1 
ATOM   33  O O2    . DC  A 1 2  ? -4.671  8.840   -4.428  1.00 15.47 ? 2   DC  A O2    1 
ATOM   34  N N3    . DC  A 1 2  ? -3.840  7.033   -5.529  1.00 15.18 ? 2   DC  A N3    1 
ATOM   35  C C4    . DC  A 1 2  ? -2.775  6.427   -6.067  1.00 15.95 ? 2   DC  A C4    1 
ATOM   36  N N4    . DC  A 1 2  ? -2.955  5.222   -6.627  1.00 15.89 ? 2   DC  A N4    1 
ATOM   37  C C5    . DC  A 1 2  ? -1.475  7.017   -6.030  1.00 15.22 ? 2   DC  A C5    1 
ATOM   38  C C6    . DC  A 1 2  ? -1.365  8.232   -5.454  1.00 16.09 ? 2   DC  A C6    1 
ATOM   39  P P     . DG  A 1 3  ? -0.663  9.092   0.044   1.00 27.88 ? 3   DG  A P     1 
ATOM   40  O OP1   . DG  A 1 3  ? -0.142  9.692   1.271   1.00 25.51 ? 3   DG  A OP1   1 
ATOM   41  O OP2   . DG  A 1 3  ? -0.062  7.874   -0.555  1.00 25.53 ? 3   DG  A OP2   1 
ATOM   42  O "O5'" . DG  A 1 3  ? -2.211  8.727   0.187   1.00 22.38 ? 3   DG  A "O5'" 1 
ATOM   43  C "C5'" . DG  A 1 3  ? -3.107  9.603   0.865   1.00 18.36 ? 3   DG  A "C5'" 1 
ATOM   44  C "C4'" . DG  A 1 3  ? -4.523  9.136   0.625   1.00 15.87 ? 3   DG  A "C4'" 1 
ATOM   45  O "O4'" . DG  A 1 3  ? -4.714  8.747   -0.750  1.00 17.54 ? 3   DG  A "O4'" 1 
ATOM   46  C "C3'" . DG  A 1 3  ? -4.931  7.913   1.432   1.00 15.20 ? 3   DG  A "C3'" 1 
ATOM   47  O "O3'" . DG  A 1 3  ? -5.230  8.342   2.758   1.00 16.24 ? 3   DG  A "O3'" 1 
ATOM   48  C "C2'" . DG  A 1 3  ? -6.146  7.448   0.654   1.00 15.17 ? 3   DG  A "C2'" 1 
ATOM   49  C "C1'" . DG  A 1 3  ? -5.680  7.693   -0.779  1.00 15.74 ? 3   DG  A "C1'" 1 
ATOM   50  N N9    . DG  A 1 3  ? -5.073  6.569   -1.457  1.00 15.24 ? 3   DG  A N9    1 
ATOM   51  C C8    . DG  A 1 3  ? -3.771  6.453   -1.895  1.00 14.11 ? 3   DG  A C8    1 
ATOM   52  N N7    . DG  A 1 3  ? -3.544  5.331   -2.525  1.00 13.97 ? 3   DG  A N7    1 
ATOM   53  C C5    . DG  A 1 3  ? -4.768  4.667   -2.501  1.00 13.61 ? 3   DG  A C5    1 
ATOM   54  C C6    . DG  A 1 3  ? -5.140  3.405   -3.037  1.00 12.24 ? 3   DG  A C6    1 
ATOM   55  O O6    . DG  A 1 3  ? -4.446  2.595   -3.670  1.00 12.05 ? 3   DG  A O6    1 
ATOM   56  N N1    . DG  A 1 3  ? -6.473  3.110   -2.765  1.00 12.34 ? 3   DG  A N1    1 
ATOM   57  C C2    . DG  A 1 3  ? -7.347  3.926   -2.083  1.00 12.54 ? 3   DG  A C2    1 
ATOM   58  N N2    . DG  A 1 3  ? -8.601  3.460   -1.939  1.00 12.19 ? 3   DG  A N2    1 
ATOM   59  N N3    . DG  A 1 3  ? -7.016  5.112   -1.591  1.00 12.55 ? 3   DG  A N3    1 
ATOM   60  C C4    . DG  A 1 3  ? -5.716  5.410   -1.828  1.00 13.15 ? 3   DG  A C4    1 
ATOM   61  P P     . DT  A 1 4  ? -5.463  7.180   3.894   1.00 15.44 ? 4   DT  A P     1 
ATOM   62  O OP1   . DT  A 1 4  ? -5.823  7.947   5.096   1.00 16.75 ? 4   DT  A OP1   1 
ATOM   63  O OP2   . DT  A 1 4  ? -4.261  6.264   3.886   1.00 14.97 ? 4   DT  A OP2   1 
ATOM   64  O "O5'" . DT  A 1 4  ? -6.711  6.313   3.404   1.00 15.21 ? 4   DT  A "O5'" 1 
ATOM   65  C "C5'" . DT  A 1 4  ? -8.093  6.697   3.686   1.00 14.75 ? 4   DT  A "C5'" 1 
ATOM   66  C "C4'" . DT  A 1 4  ? -9.003  5.520   3.450   1.00 14.51 ? 4   DT  A "C4'" 1 
ATOM   67  O "O4'" . DT  A 1 4  ? -8.877  5.012   2.111   1.00 15.17 ? 4   DT  A "O4'" 1 
ATOM   68  C "C3'" . DT  A 1 4  ? -8.632  4.352   4.347   1.00 13.38 ? 4   DT  A "C3'" 1 
ATOM   69  O "O3'" . DT  A 1 4  ? -9.225  4.595   5.641   1.00 15.34 ? 4   DT  A "O3'" 1 
ATOM   70  C "C2'" . DT  A 1 4  ? -9.154  3.145   3.586   1.00 13.92 ? 4   DT  A "C2'" 1 
ATOM   71  C "C1'" . DT  A 1 4  ? -8.976  3.564   2.151   1.00 13.50 ? 4   DT  A "C1'" 1 
ATOM   72  N N1    . DT  A 1 4  ? -7.764  3.011   1.528   1.00 12.42 ? 4   DT  A N1    1 
ATOM   73  C C2    . DT  A 1 4  ? -7.859  1.786   0.920   1.00 11.43 ? 4   DT  A C2    1 
ATOM   74  O O2    . DT  A 1 4  ? -8.894  1.164   0.868   1.00 11.07 ? 4   DT  A O2    1 
ATOM   75  N N3    . DT  A 1 4  ? -6.714  1.369   0.270   1.00 10.84 ? 4   DT  A N3    1 
ATOM   76  C C4    . DT  A 1 4  ? -5.491  2.014   0.251   1.00 13.49 ? 4   DT  A C4    1 
ATOM   77  O O4    . DT  A 1 4  ? -4.541  1.513   -0.353  1.00 13.22 ? 4   DT  A O4    1 
ATOM   78  C C5    . DT  A 1 4  ? -5.446  3.274   0.970   1.00 13.23 ? 4   DT  A C5    1 
ATOM   79  C C7    . DT  A 1 4  ? -4.161  4.045   1.014   1.00 14.65 ? 4   DT  A C7    1 
ATOM   80  C C6    . DT  A 1 4  ? -6.574  3.705   1.558   1.00 13.36 ? 4   DT  A C6    1 
ATOM   81  P P     . DA  A 1 5  ? -8.453  3.934   6.865   1.00 17.07 ? 5   DA  A P     1 
ATOM   82  O OP1   . DA  A 1 5  ? -9.252  4.321   8.082   1.00 16.43 ? 5   DA  A OP1   1 
ATOM   83  O OP2   . DA  A 1 5  ? -7.017  4.263   6.775   1.00 15.66 ? 5   DA  A OP2   1 
ATOM   84  O "O5'" . DA  A 1 5  ? -8.555  2.362   6.587   1.00 16.00 ? 5   DA  A "O5'" 1 
ATOM   85  C "C5'" . DA  A 1 5  ? -7.427  1.438   6.771   1.00 15.07 ? 5   DA  A "C5'" 1 
ATOM   86  C "C4'" . DA  A 1 5  ? -7.792  0.097   6.187   1.00 14.74 ? 5   DA  A "C4'" 1 
ATOM   87  O "O4'" . DA  A 1 5  ? -7.757  0.213   4.758   1.00 15.42 ? 5   DA  A "O4'" 1 
ATOM   88  C "C3'" . DA  A 1 5  ? -6.784  -1.018  6.468   1.00 17.07 ? 5   DA  A "C3'" 1 
ATOM   89  O "O3'" . DA  A 1 5  ? -7.021  -1.636  7.721   1.00 18.75 ? 5   DA  A "O3'" 1 
ATOM   90  C "C2'" . DA  A 1 5  ? -7.054  -1.982  5.334   1.00 15.93 ? 5   DA  A "C2'" 1 
ATOM   91  C "C1'" . DA  A 1 5  ? -7.303  -1.009  4.183   1.00 15.86 ? 5   DA  A "C1'" 1 
ATOM   92  N N9    . DA  A 1 5  ? -6.082  -0.716  3.422   1.00 13.70 ? 5   DA  A N9    1 
ATOM   93  C C8    . DA  A 1 5  ? -5.243  0.364   3.474   1.00 16.15 ? 5   DA  A C8    1 
ATOM   94  N N7    . DA  A 1 5  ? -4.272  0.325   2.595   1.00 13.33 ? 5   DA  A N7    1 
ATOM   95  C C5    . DA  A 1 5  ? -4.455  -0.889  1.953   1.00 14.62 ? 5   DA  A C5    1 
ATOM   96  C C6    . DA  A 1 5  ? -3.746  -1.538  0.925   1.00 12.85 ? 5   DA  A C6    1 
ATOM   97  N N6    . DA  A 1 5  ? -2.649  -1.028  0.335   1.00 12.78 ? 5   DA  A N6    1 
ATOM   98  N N1    . DA  A 1 5  ? -4.227  -2.718  0.481   1.00 13.41 ? 5   DA  A N1    1 
ATOM   99  C C2    . DA  A 1 5  ? -5.332  -3.217  1.048   1.00 14.85 ? 5   DA  A C2    1 
ATOM   100 N N3    . DA  A 1 5  ? -6.097  -2.691  2.011   1.00 15.15 ? 5   DA  A N3    1 
ATOM   101 C C4    . DA  A 1 5  ? -5.579  -1.534  2.444   1.00 14.29 ? 5   DA  A C4    1 
HETATM 102 F "F7'" . ULF A 1 6  ? -5.561  -7.892  5.059   1.00 22.71 ? 6   ULF A "F7'" 1 
HETATM 103 C "C6'" . ULF A 1 6  ? -5.005  -7.363  6.221   1.00 19.72 ? 6   ULF A "C6'" 1 
HETATM 104 C "C8'" . ULF A 1 6  ? -6.100  -6.570  6.924   1.00 21.83 ? 6   ULF A "C8'" 1 
HETATM 105 C "C2'" . ULF A 1 6  ? -3.926  -6.350  5.877   1.00 20.25 ? 6   ULF A "C2'" 1 
HETATM 106 C "C3'" . ULF A 1 6  ? -3.972  -5.581  7.139   1.00 21.52 ? 6   ULF A "C3'" 1 
HETATM 107 O "O3'" . ULF A 1 6  ? -3.741  -6.401  8.283   1.00 24.00 ? 6   ULF A "O3'" 1 
HETATM 108 C "C1'" . ULF A 1 6  ? -4.474  -5.310  4.881   1.00 17.94 ? 6   ULF A "C1'" 1 
HETATM 109 O "O4'" . ULF A 1 6  ? -5.514  -4.668  5.622   1.00 19.36 ? 6   ULF A "O4'" 1 
HETATM 110 C "C4'" . ULF A 1 6  ? -5.430  -5.224  6.943   1.00 20.85 ? 6   ULF A "C4'" 1 
HETATM 111 C "C5'" . ULF A 1 6  ? -6.052  -4.323  7.970   1.00 21.97 ? 6   ULF A "C5'" 1 
HETATM 112 O "O5'" . ULF A 1 6  ? -5.159  -3.236  8.141   1.00 20.72 ? 6   ULF A "O5'" 1 
HETATM 113 P P     . ULF A 1 6  ? -5.781  -1.927  8.671   1.00 21.72 ? 6   ULF A P     1 
HETATM 114 O OP2   . ULF A 1 6  ? -4.582  -0.849  8.723   1.00 20.65 ? 6   ULF A OP2   1 
HETATM 115 O OP1   . ULF A 1 6  ? -6.529  -2.282  10.085  1.00 25.57 ? 6   ULF A OP1   1 
HETATM 116 N N1    . ULF A 1 6  ? -3.495  -4.321  4.405   1.00 17.20 ? 6   ULF A N1    1 
HETATM 117 C C6    . ULF A 1 6  ? -3.370  -3.114  4.967   1.00 16.49 ? 6   ULF A C6    1 
HETATM 118 C C5    . ULF A 1 6  ? -2.478  -2.191  4.487   1.00 17.21 ? 6   ULF A C5    1 
HETATM 119 C C4    . ULF A 1 6  ? -1.709  -2.580  3.385   1.00 14.89 ? 6   ULF A C4    1 
HETATM 120 O O4    . ULF A 1 6  ? -0.796  -1.743  2.863   1.00 16.01 ? 6   ULF A O4    1 
HETATM 121 N N3    . ULF A 1 6  ? -1.847  -3.768  2.856   1.00 15.70 ? 6   ULF A N3    1 
HETATM 122 C C2    . ULF A 1 6  ? -2.733  -4.646  3.352   1.00 15.28 ? 6   ULF A C2    1 
HETATM 123 O O2    . ULF A 1 6  ? -2.865  -5.851  2.795   1.00 14.85 ? 6   ULF A O2    1 
ATOM   124 P P     . DA  A 1 7  ? -2.327  -6.375  8.995   1.00 21.27 ? 7   DA  A P     1 
ATOM   125 O OP1   . DA  A 1 7  ? -2.415  -7.090  10.317  1.00 19.45 ? 7   DA  A OP1   1 
ATOM   126 O OP2   . DA  A 1 7  ? -1.730  -4.981  8.993   1.00 22.18 ? 7   DA  A OP2   1 
ATOM   127 O "O5'" . DA  A 1 7  ? -1.325  -7.261  8.148   1.00 18.98 ? 7   DA  A "O5'" 1 
ATOM   128 C "C5'" . DA  A 1 7  ? -1.533  -8.694  8.039   1.00 21.75 ? 7   DA  A "C5'" 1 
ATOM   129 C "C4'" . DA  A 1 7  ? -0.865  -9.294  6.823   1.00 17.83 ? 7   DA  A "C4'" 1 
ATOM   130 O "O4'" . DA  A 1 7  ? -1.318  -8.722  5.588   1.00 16.87 ? 7   DA  A "O4'" 1 
ATOM   131 C "C3'" . DA  A 1 7  ? 0.648   -9.210  6.765   1.00 17.18 ? 7   DA  A "C3'" 1 
ATOM   132 O "O3'" . DA  A 1 7  ? 1.216   -10.171 7.684   1.00 18.47 ? 7   DA  A "O3'" 1 
ATOM   133 C "C2'" . DA  A 1 7  ? 0.903   -9.461  5.289   1.00 15.67 ? 7   DA  A "C2'" 1 
ATOM   134 C "C1'" . DA  A 1 7  ? -0.225  -8.644  4.671   1.00 14.82 ? 7   DA  A "C1'" 1 
ATOM   135 N N9    . DA  A 1 7  ? 0.144   -7.240  4.542   1.00 14.59 ? 7   DA  A N9    1 
ATOM   136 C C8    . DA  A 1 7  ? -0.239  -6.164  5.301   1.00 13.72 ? 7   DA  A C8    1 
ATOM   137 N N7    . DA  A 1 7  ? 0.281   -5.022  4.899   1.00 13.46 ? 7   DA  A N7    1 
ATOM   138 C C5    . DA  A 1 7  ? 1.073   -5.383  3.814   1.00 13.69 ? 7   DA  A C5    1 
ATOM   139 C C6    . DA  A 1 7  ? 1.881   -4.640  2.945   1.00 13.77 ? 7   DA  A C6    1 
ATOM   140 N N6    . DA  A 1 7  ? 2.035   -3.312  3.031   1.00 13.69 ? 7   DA  A N6    1 
ATOM   141 N N1    . DA  A 1 7  ? 2.557   -5.314  1.989   1.00 13.36 ? 7   DA  A N1    1 
ATOM   142 C C2    . DA  A 1 7  ? 2.361   -6.623  1.867   1.00 12.55 ? 7   DA  A C2    1 
ATOM   143 N N3    . DA  A 1 7  ? 1.611   -7.431  2.609   1.00 12.54 ? 7   DA  A N3    1 
ATOM   144 C C4    . DA  A 1 7  ? 0.976   -6.739  3.568   1.00 12.85 ? 7   DA  A C4    1 
ATOM   145 P P     . DC  A 1 8  ? 2.540   -9.768  8.416   1.00 21.85 ? 8   DC  A P     1 
ATOM   146 O OP1   . DC  A 1 8  ? 2.965   -10.981 9.227   1.00 22.93 ? 8   DC  A OP1   1 
ATOM   147 O OP2   . DC  A 1 8  ? 2.329   -8.480  9.089   1.00 21.97 ? 8   DC  A OP2   1 
ATOM   148 O "O5'" . DC  A 1 8  ? 3.628   -9.598  7.268   1.00 16.98 ? 8   DC  A "O5'" 1 
ATOM   149 C "C5'" . DC  A 1 8  ? 4.115   -10.691 6.496   1.00 17.59 ? 8   DC  A "C5'" 1 
ATOM   150 C "C4'" . DC  A 1 8  ? 4.888   -10.193 5.296   1.00 15.84 ? 8   DC  A "C4'" 1 
ATOM   151 O "O4'" . DC  A 1 8  ? 4.141   -9.172  4.597   1.00 16.48 ? 8   DC  A "O4'" 1 
ATOM   152 C "C3'" . DC  A 1 8  ? 6.207   -9.504  5.637   1.00 16.00 ? 8   DC  A "C3'" 1 
ATOM   153 O "O3'" . DC  A 1 8  ? 7.217   -10.508 5.837   1.00 17.01 ? 8   DC  A "O3'" 1 
ATOM   154 C "C2'" . DC  A 1 8  ? 6.482   -8.735  4.361   1.00 14.93 ? 8   DC  A "C2'" 1 
ATOM   155 C "C1'" . DC  A 1 8  ? 5.082   -8.249  4.014   1.00 15.01 ? 8   DC  A "C1'" 1 
ATOM   156 N N1    . DC  A 1 8  ? 4.800   -6.884  4.517   1.00 13.77 ? 8   DC  A N1    1 
ATOM   157 C C2    . DC  A 1 8  ? 5.367   -5.808  3.813   1.00 14.69 ? 8   DC  A C2    1 
ATOM   158 O O2    . DC  A 1 8  ? 6.099   -6.050  2.847   1.00 14.13 ? 8   DC  A O2    1 
ATOM   159 N N3    . DC  A 1 8  ? 5.128   -4.543  4.232   1.00 14.18 ? 8   DC  A N3    1 
ATOM   160 C C4    . DC  A 1 8  ? 4.352   -4.332  5.297   1.00 16.08 ? 8   DC  A C4    1 
ATOM   161 N N4    . DC  A 1 8  ? 4.151   -3.072  5.683   1.00 17.59 ? 8   DC  A N4    1 
ATOM   162 C C5    . DC  A 1 8  ? 3.761   -5.407  6.029   1.00 16.12 ? 8   DC  A C5    1 
ATOM   163 C C6    . DC  A 1 8  ? 4.014   -6.655  5.612   1.00 16.31 ? 8   DC  A C6    1 
ATOM   164 P P     . DG  A 1 9  ? 8.357   -10.132 6.893   1.00 20.58 ? 9   DG  A P     1 
ATOM   165 O OP1   . DG  A 1 9  ? 9.166   -11.417 6.876   1.00 17.96 ? 9   DG  A OP1   1 
ATOM   166 O OP2   . DG  A 1 9  ? 7.872   -9.476  8.068   1.00 16.70 ? 9   DG  A OP2   1 
ATOM   167 O "O5'" . DG  A 1 9  ? 9.179   -9.115  6.002   1.00 16.27 ? 9   DG  A "O5'" 1 
ATOM   168 C "C5'" . DG  A 1 9  ? 9.858   -9.653  4.899   1.00 14.18 ? 9   DG  A "C5'" 1 
ATOM   169 C "C4'" . DG  A 1 9  ? 10.490  -8.515  4.153   1.00 14.92 ? 9   DG  A "C4'" 1 
ATOM   170 O "O4'" . DG  A 1 9  ? 9.459   -7.543  3.885   1.00 14.64 ? 9   DG  A "O4'" 1 
ATOM   171 C "C3'" . DG  A 1 9  ? 11.482  -7.704  4.957   1.00 15.11 ? 9   DG  A "C3'" 1 
ATOM   172 O "O3'" . DG  A 1 9  ? 12.753  -8.383  5.008   1.00 13.55 ? 9   DG  A "O3'" 1 
ATOM   173 C "C2'" . DG  A 1 9  ? 11.573  -6.467  4.100   1.00 13.93 ? 9   DG  A "C2'" 1 
ATOM   174 C "C1'" . DG  A 1 9  ? 10.127  -6.284  3.684   1.00 13.85 ? 9   DG  A "C1'" 1 
ATOM   175 N N9    . DG  A 1 9  ? 9.419   -5.275  4.451   1.00 13.22 ? 9   DG  A N9    1 
ATOM   176 C C8    . DG  A 1 9  ? 8.481   -5.429  5.449   1.00 11.49 ? 9   DG  A C8    1 
ATOM   177 N N7    . DG  A 1 9  ? 8.009   -4.286  5.885   1.00 13.24 ? 9   DG  A N7    1 
ATOM   178 C C5    . DG  A 1 9  ? 8.716   -3.325  5.163   1.00 12.12 ? 9   DG  A C5    1 
ATOM   179 C C6    . DG  A 1 9  ? 8.632   -1.899  5.184   1.00 11.71 ? 9   DG  A C6    1 
ATOM   180 O O6    . DG  A 1 9  ? 7.929   -1.176  5.901   1.00 12.02 ? 9   DG  A O6    1 
ATOM   181 N N1    . DG  A 1 9  ? 9.521   -1.325  4.287   1.00 11.43 ? 9   DG  A N1    1 
ATOM   182 C C2    . DG  A 1 9  ? 10.339  -2.012  3.430   1.00 12.68 ? 9   DG  A C2    1 
ATOM   183 N N2    . DG  A 1 9  ? 11.155  -1.269  2.664   1.00 11.50 ? 9   DG  A N2    1 
ATOM   184 N N3    . DG  A 1 9  ? 10.426  -3.334  3.394   1.00 12.95 ? 9   DG  A N3    1 
ATOM   185 C C4    . DG  A 1 9  ? 9.589   -3.920  4.282   1.00 12.33 ? 9   DG  A C4    1 
ATOM   186 P P     . DC  A 1 10 ? 13.824  -7.870  5.968   1.00 14.02 ? 10  DC  A P     1 
ATOM   187 O OP1   . DC  A 1 10 ? 14.922  -8.888  5.723   1.00 13.86 ? 10  DC  A OP1   1 
ATOM   188 O OP2   . DC  A 1 10 ? 13.287  -7.673  7.273   1.00 13.34 ? 10  DC  A OP2   1 
ATOM   189 O "O5'" . DC  A 1 10 ? 14.342  -6.487  5.361   1.00 14.88 ? 10  DC  A "O5'" 1 
ATOM   190 C "C5'" . DC  A 1 10 ? 15.164  -6.429  4.192   1.00 13.09 ? 10  DC  A "C5'" 1 
ATOM   191 C "C4'" . DC  A 1 10 ? 15.537  -4.994  3.910   1.00 13.49 ? 10  DC  A "C4'" 1 
ATOM   192 O "O4'" . DC  A 1 10 ? 14.316  -4.245  3.796   1.00 12.75 ? 10  DC  A "O4'" 1 
ATOM   193 C "C3'" . DC  A 1 10 ? 16.307  -4.282  5.017   1.00 13.50 ? 10  DC  A "C3'" 1 
ATOM   194 O "O3'" . DC  A 1 10 ? 17.717  -4.526  4.915   1.00 12.70 ? 10  DC  A "O3'" 1 
ATOM   195 C "C2'" . DC  A 1 10 ? 15.990  -2.823  4.728   1.00 13.07 ? 10  DC  A "C2'" 1 
ATOM   196 C "C1'" . DC  A 1 10 ? 14.556  -2.905  4.207   1.00 12.30 ? 10  DC  A "C1'" 1 
ATOM   197 N N1    . DC  A 1 10 ? 13.557  -2.574  5.218   1.00 12.54 ? 10  DC  A N1    1 
ATOM   198 C C2    . DC  A 1 10 ? 13.204  -1.236  5.401   1.00 11.92 ? 10  DC  A C2    1 
ATOM   199 O O2    . DC  A 1 10 ? 13.809  -0.370  4.762   1.00 14.80 ? 10  DC  A O2    1 
ATOM   200 N N3    . DC  A 1 10 ? 12.257  -0.922  6.314   1.00 13.05 ? 10  DC  A N3    1 
ATOM   201 C C4    . DC  A 1 10 ? 11.662  -1.893  7.021   1.00 13.25 ? 10  DC  A C4    1 
ATOM   202 N N4    . DC  A 1 10 ? 10.738  -1.543  7.919   1.00 12.28 ? 10  DC  A N4    1 
ATOM   203 C C5    . DC  A 1 10 ? 11.986  -3.270  6.835   1.00 12.60 ? 10  DC  A C5    1 
ATOM   204 C C6    . DC  A 1 10 ? 12.939  -3.561  5.942   1.00 12.66 ? 10  DC  A C6    1 
ATOM   205 O "O5'" . DG  B 1 1  ? 7.849   8.044   7.594   1.00 35.69 ? 11  DG  B "O5'" 1 
ATOM   206 C "C5'" . DG  B 1 1  ? 8.832   9.099   7.724   1.00 27.73 ? 11  DG  B "C5'" 1 
ATOM   207 C "C4'" . DG  B 1 1  ? 9.977   8.848   6.767   1.00 24.20 ? 11  DG  B "C4'" 1 
ATOM   208 O "O4'" . DG  B 1 1  ? 10.888  7.963   7.447   1.00 23.52 ? 11  DG  B "O4'" 1 
ATOM   209 C "C3'" . DG  B 1 1  ? 9.613   8.138   5.465   1.00 24.09 ? 11  DG  B "C3'" 1 
ATOM   210 O "O3'" . DG  B 1 1  ? 9.461   9.012   4.355   1.00 22.68 ? 11  DG  B "O3'" 1 
ATOM   211 C "C2'" . DG  B 1 1  ? 10.832  7.280   5.184   1.00 22.97 ? 11  DG  B "C2'" 1 
ATOM   212 C "C1'" . DG  B 1 1  ? 11.215  6.891   6.589   1.00 22.89 ? 11  DG  B "C1'" 1 
ATOM   213 N N9    . DG  B 1 1  ? 10.654  5.668   7.144   1.00 20.94 ? 11  DG  B N9    1 
ATOM   214 C C8    . DG  B 1 1  ? 9.741   5.493   8.158   1.00 22.05 ? 11  DG  B C8    1 
ATOM   215 N N7    . DG  B 1 1  ? 9.558   4.232   8.472   1.00 20.34 ? 11  DG  B N7    1 
ATOM   216 C C5    . DG  B 1 1  ? 10.442  3.543   7.647   1.00 17.23 ? 11  DG  B C5    1 
ATOM   217 C C6    . DG  B 1 1  ? 10.710  2.156   7.545   1.00 16.82 ? 11  DG  B C6    1 
ATOM   218 O O6    . DG  B 1 1  ? 10.190  1.214   8.179   1.00 17.07 ? 11  DG  B O6    1 
ATOM   219 N N1    . DG  B 1 1  ? 11.676  1.892   6.582   1.00 14.29 ? 11  DG  B N1    1 
ATOM   220 C C2    . DG  B 1 1  ? 12.266  2.823   5.770   1.00 14.89 ? 11  DG  B C2    1 
ATOM   221 N N2    . DG  B 1 1  ? 13.160  2.346   4.895   1.00 13.92 ? 11  DG  B N2    1 
ATOM   222 N N3    . DG  B 1 1  ? 12.042  4.133   5.862   1.00 15.60 ? 11  DG  B N3    1 
ATOM   223 C C4    . DG  B 1 1  ? 11.125  4.415   6.823   1.00 17.63 ? 11  DG  B C4    1 
ATOM   224 P P     . DC  B 1 2  ? 8.726   8.476   3.108   1.00 23.18 ? 12  DC  B P     1 
ATOM   225 O OP1   . DC  B 1 2  ? 8.749   9.554   2.073   1.00 23.87 ? 12  DC  B OP1   1 
ATOM   226 O OP2   . DC  B 1 2  ? 7.410   7.923   3.617   1.00 22.87 ? 12  DC  B OP2   1 
ATOM   227 O "O5'" . DC  B 1 2  ? 9.564   7.316   2.408   1.00 21.55 ? 12  DC  B "O5'" 1 
ATOM   228 C "C5'" . DC  B 1 2  ? 10.845  7.598   1.820   1.00 19.90 ? 12  DC  B "C5'" 1 
ATOM   229 C "C4'" . DC  B 1 2  ? 11.429  6.294   1.323   1.00 21.14 ? 12  DC  B "C4'" 1 
ATOM   230 O "O4'" . DC  B 1 2  ? 11.590  5.419   2.457   1.00 18.38 ? 12  DC  B "O4'" 1 
ATOM   231 C "C3'" . DC  B 1 2  ? 10.519  5.509   0.409   1.00 20.78 ? 12  DC  B "C3'" 1 
ATOM   232 O "O3'" . DC  B 1 2  ? 10.623  6.028   -0.911  1.00 22.29 ? 12  DC  B "O3'" 1 
ATOM   233 C "C2'" . DC  B 1 2  ? 11.095  4.109   0.534   1.00 19.20 ? 12  DC  B "C2'" 1 
ATOM   234 C "C1'" . DC  B 1 2  ? 11.402  4.065   2.008   1.00 16.43 ? 12  DC  B "C1'" 1 
ATOM   235 N N1    . DC  B 1 2  ? 10.389  3.460   2.867   1.00 14.89 ? 12  DC  B N1    1 
ATOM   236 C C2    . DC  B 1 2  ? 10.435  2.080   3.068   1.00 13.97 ? 12  DC  B C2    1 
ATOM   237 O O2    . DC  B 1 2  ? 11.228  1.418   2.406   1.00 13.06 ? 12  DC  B O2    1 
ATOM   238 N N3    . DC  B 1 2  ? 9.528   1.501   3.896   1.00 13.58 ? 12  DC  B N3    1 
ATOM   239 C C4    . DC  B 1 2  ? 8.652   2.260   4.561   1.00 14.19 ? 12  DC  B C4    1 
ATOM   240 N N4    . DC  B 1 2  ? 7.804   1.656   5.402   1.00 12.55 ? 12  DC  B N4    1 
ATOM   241 C C5    . DC  B 1 2  ? 8.634   3.680   4.429   1.00 15.61 ? 12  DC  B C5    1 
ATOM   242 C C6    . DC  B 1 2  ? 9.535   4.235   3.603   1.00 14.66 ? 12  DC  B C6    1 
ATOM   243 P P     . DG  B 1 3  ? 9.525   5.567   -1.974  1.00 23.90 ? 13  DG  B P     1 
ATOM   244 O OP1   . DG  B 1 3  ? 10.115  6.308   -3.142  1.00 27.60 ? 13  DG  B OP1   1 
ATOM   245 O OP2   . DG  B 1 3  ? 8.150   5.794   -1.499  1.00 22.92 ? 13  DG  B OP2   1 
ATOM   246 O "O5'" . DG  B 1 3  ? 9.873   4.044   -2.209  1.00 21.15 ? 13  DG  B "O5'" 1 
ATOM   247 C "C5'" . DG  B 1 3  ? 8.853   3.051   -2.306  1.00 18.57 ? 13  DG  B "C5'" 1 
ATOM   248 C "C4'" . DG  B 1 3  ? 9.542   1.714   -2.246  1.00 15.78 ? 13  DG  B "C4'" 1 
ATOM   249 O "O4'" . DG  B 1 3  ? 9.938   1.495   -0.867  1.00 15.85 ? 13  DG  B "O4'" 1 
ATOM   250 C "C3'" . DG  B 1 3  ? 8.637   0.546   -2.600  1.00 15.89 ? 13  DG  B "C3'" 1 
ATOM   251 O "O3'" . DG  B 1 3  ? 8.741   0.279   -4.003  1.00 17.18 ? 13  DG  B "O3'" 1 
ATOM   252 C "C2'" . DG  B 1 3  ? 9.219   -0.576  -1.750  1.00 13.16 ? 13  DG  B "C2'" 1 
ATOM   253 C "C1'" . DG  B 1 3  ? 9.571   0.165   -0.490  1.00 13.32 ? 13  DG  B "C1'" 1 
ATOM   254 N N9    . DG  B 1 3  ? 8.480   0.230   0.476   1.00 13.11 ? 13  DG  B N9    1 
ATOM   255 C C8    . DG  B 1 3  ? 7.815   1.330   0.951   1.00 13.86 ? 13  DG  B C8    1 
ATOM   256 N N7    . DG  B 1 3  ? 6.922   1.036   1.858   1.00 12.60 ? 13  DG  B N7    1 
ATOM   257 C C5    . DG  B 1 3  ? 6.963   -0.348  1.947   1.00 13.23 ? 13  DG  B C5    1 
ATOM   258 C C6    . DG  B 1 3  ? 6.195   -1.244  2.744   1.00 13.26 ? 13  DG  B C6    1 
ATOM   259 O O6    . DG  B 1 3  ? 5.275   -0.980  3.551   1.00 13.50 ? 13  DG  B O6    1 
ATOM   260 N N1    . DG  B 1 3  ? 6.589   -2.567  2.547   1.00 12.90 ? 13  DG  B N1    1 
ATOM   261 C C2    . DG  B 1 3  ? 7.578   -2.977  1.683   1.00 13.62 ? 13  DG  B C2    1 
ATOM   262 N N2    . DG  B 1 3  ? 7.816   -4.304  1.627   1.00 13.04 ? 13  DG  B N2    1 
ATOM   263 N N3    . DG  B 1 3  ? 8.274   -2.151  0.914   1.00 13.67 ? 13  DG  B N3    1 
ATOM   264 C C4    . DG  B 1 3  ? 7.915   -0.862  1.098   1.00 12.48 ? 13  DG  B C4    1 
ATOM   265 P P     . DT  B 1 4  ? 7.514   -0.342  -4.887  1.00 19.13 ? 14  DT  B P     1 
ATOM   266 O OP1   . DT  B 1 4  ? 7.970   -0.371  -6.310  1.00 18.38 ? 14  DT  B OP1   1 
ATOM   267 O OP2   . DT  B 1 4  ? 6.295   0.411   -4.453  1.00 16.68 ? 14  DT  B OP2   1 
ATOM   268 O "O5'" . DT  B 1 4  ? 7.361   -1.815  -4.289  1.00 16.13 ? 14  DT  B "O5'" 1 
ATOM   269 C "C5'" . DT  B 1 4  ? 8.335   -2.787  -4.637  1.00 15.88 ? 14  DT  B "C5'" 1 
ATOM   270 C "C4'" . DT  B 1 4  ? 7.936   -4.139  -4.101  1.00 16.93 ? 14  DT  B "C4'" 1 
ATOM   271 O "O4'" . DT  B 1 4  ? 7.902   -4.090  -2.662  1.00 17.90 ? 14  DT  B "O4'" 1 
ATOM   272 C "C3'" . DT  B 1 4  ? 6.533   -4.580  -4.472  1.00 17.21 ? 14  DT  B "C3'" 1 
ATOM   273 O "O3'" . DT  B 1 4  ? 6.419   -5.111  -5.786  1.00 18.99 ? 14  DT  B "O3'" 1 
ATOM   274 C "C2'" . DT  B 1 4  ? 6.288   -5.648  -3.422  1.00 16.19 ? 14  DT  B "C2'" 1 
ATOM   275 C "C1'" . DT  B 1 4  ? 6.892   -4.976  -2.184  1.00 15.93 ? 14  DT  B "C1'" 1 
ATOM   276 N N1    . DT  B 1 4  ? 5.956   -4.176  -1.390  1.00 15.29 ? 14  DT  B N1    1 
ATOM   277 C C2    . DT  B 1 4  ? 5.167   -4.840  -0.486  1.00 14.84 ? 14  DT  B C2    1 
ATOM   278 O O2    . DT  B 1 4  ? 5.192   -6.058  -0.350  1.00 15.92 ? 14  DT  B O2    1 
ATOM   279 N N3    . DT  B 1 4  ? 4.343   -4.030  0.254   1.00 14.26 ? 14  DT  B N3    1 
ATOM   280 C C4    . DT  B 1 4  ? 4.214   -2.644  0.146   1.00 14.30 ? 14  DT  B C4    1 
ATOM   281 O O4    . DT  B 1 4  ? 3.424   -2.047  0.868   1.00 13.86 ? 14  DT  B O4    1 
ATOM   282 C C5    . DT  B 1 4  ? 5.059   -2.019  -0.849  1.00 14.07 ? 14  DT  B C5    1 
ATOM   283 C C7    . DT  B 1 4  ? 5.010   -0.528  -1.019  1.00 13.81 ? 14  DT  B C7    1 
ATOM   284 C C6    . DT  B 1 4  ? 5.890   -2.804  -1.540  1.00 14.36 ? 14  DT  B C6    1 
ATOM   285 P P     . DA  B 1 5  ? 4.967   -4.983  -6.467  1.00 22.33 ? 15  DA  B P     1 
ATOM   286 O OP1   . DA  B 1 5  ? 5.297   -5.638  -7.748  1.00 20.96 ? 15  DA  B OP1   1 
ATOM   287 O OP2   . DA  B 1 5  ? 4.385   -3.611  -6.369  1.00 20.36 ? 15  DA  B OP2   1 
ATOM   288 O "O5'" . DA  B 1 5  ? 4.029   -5.938  -5.604  1.00 18.40 ? 15  DA  B "O5'" 1 
ATOM   289 C "C5'" . DA  B 1 5  ? 4.313   -7.345  -5.507  1.00 16.85 ? 15  DA  B "C5'" 1 
ATOM   290 C "C4'" . DA  B 1 5  ? 3.216   -8.025  -4.716  1.00 15.52 ? 15  DA  B "C4'" 1 
ATOM   291 O "O4'" . DA  B 1 5  ? 3.328   -7.601  -3.356  1.00 14.59 ? 15  DA  B "O4'" 1 
ATOM   292 C "C3'" . DA  B 1 5  ? 1.773   -7.677  -5.098  1.00 17.46 ? 15  DA  B "C3'" 1 
ATOM   293 O "O3'" . DA  B 1 5  ? 1.287   -8.396  -6.238  1.00 21.32 ? 15  DA  B "O3'" 1 
ATOM   294 C "C2'" . DA  B 1 5  ? 1.041   -8.042  -3.816  1.00 14.82 ? 15  DA  B "C2'" 1 
ATOM   295 C "C1'" . DA  B 1 5  ? 2.045   -7.521  -2.764  1.00 14.80 ? 15  DA  B "C1'" 1 
ATOM   296 N N9    . DA  B 1 5  ? 1.858   -6.129  -2.303  1.00 13.90 ? 15  DA  B N9    1 
ATOM   297 C C8    . DA  B 1 5  ? 2.438   -4.959  -2.738  1.00 13.45 ? 15  DA  B C8    1 
ATOM   298 N N7    . DA  B 1 5  ? 2.007   -3.893  -2.103  1.00 13.39 ? 15  DA  B N7    1 
ATOM   299 C C5    . DA  B 1 5  ? 1.092   -4.399  -1.185  1.00 11.79 ? 15  DA  B C5    1 
ATOM   300 C C6    . DA  B 1 5  ? 0.306   -3.787  -0.182  1.00 12.04 ? 15  DA  B C6    1 
ATOM   301 N N6    . DA  B 1 5  ? 0.344   -2.486  0.106   1.00 13.47 ? 15  DA  B N6    1 
ATOM   302 N N1    . DA  B 1 5  ? -0.508  -4.582  0.546   1.00 13.26 ? 15  DA  B N1    1 
ATOM   303 C C2    . DA  B 1 5  ? -0.471  -5.901  0.335   1.00 11.79 ? 15  DA  B C2    1 
ATOM   304 N N3    . DA  B 1 5  ? 0.221   -6.592  -0.568  1.00 12.74 ? 15  DA  B N3    1 
ATOM   305 C C4    . DA  B 1 5  ? 0.995   -5.772  -1.300  1.00 11.67 ? 15  DA  B C4    1 
HETATM 306 F "F7'" . ULF B 1 6  ? -4.849  -9.610  -2.457  1.00 18.37 ? 16  ULF B "F7'" 1 
HETATM 307 C "C6'" . ULF B 1 6  ? -4.797  -9.287  -3.793  1.00 18.38 ? 16  ULF B "C6'" 1 
HETATM 308 C "C8'" . ULF B 1 6  ? -3.636  -10.029 -4.481  1.00 16.95 ? 16  ULF B "C8'" 1 
HETATM 309 C "C2'" . ULF B 1 6  ? -4.433  -7.822  -3.853  1.00 16.62 ? 16  ULF B "C2'" 1 
HETATM 310 C "C3'" . ULF B 1 6  ? -3.815  -7.783  -5.214  1.00 16.42 ? 16  ULF B "C3'" 1 
HETATM 311 O "O3'" . ULF B 1 6  ? -4.684  -8.254  -6.286  1.00 18.96 ? 16  ULF B "O3'" 1 
HETATM 312 C "C1'" . ULF B 1 6  ? -3.211  -7.604  -2.974  1.00 16.15 ? 16  ULF B "C1'" 1 
HETATM 313 O "O4'" . ULF B 1 6  ? -2.182  -8.269  -3.721  1.00 16.86 ? 16  ULF B "O4'" 1 
HETATM 314 C "C4'" . ULF B 1 6  ? -2.797  -8.819  -4.885  1.00 16.98 ? 16  ULF B "C4'" 1 
HETATM 315 C "C5'" . ULF B 1 6  ? -1.801  -8.996  -6.025  1.00 20.04 ? 16  ULF B "C5'" 1 
HETATM 316 O "O5'" . ULF B 1 6  ? -1.185  -7.760  -6.393  1.00 19.92 ? 16  ULF B "O5'" 1 
HETATM 317 P P     . ULF B 1 6  ? 0.209   -7.722  -7.203  1.00 23.01 ? 16  ULF B P     1 
HETATM 318 O OP2   . ULF B 1 6  ? 0.521   -6.215  -7.412  1.00 21.36 ? 16  ULF B OP2   1 
HETATM 319 O OP1   . ULF B 1 6  ? 0.115   -8.629  -8.514  1.00 25.74 ? 16  ULF B OP1   1 
HETATM 320 N N1    . ULF B 1 6  ? -2.804  -6.173  -2.883  1.00 14.32 ? 16  ULF B N1    1 
HETATM 321 C C6    . ULF B 1 6  ? -1.880  -5.654  -3.708  1.00 15.61 ? 16  ULF B C6    1 
HETATM 322 C C5    . ULF B 1 6  ? -1.507  -4.284  -3.552  1.00 14.25 ? 16  ULF B C5    1 
HETATM 323 C C4    . ULF B 1 6  ? -2.124  -3.596  -2.485  1.00 13.23 ? 16  ULF B C4    1 
HETATM 324 O O4    . ULF B 1 6  ? -1.915  -2.274  -2.282  1.00 15.32 ? 16  ULF B O4    1 
HETATM 325 N N3    . ULF B 1 6  ? -3.074  -4.182  -1.692  1.00 13.38 ? 16  ULF B N3    1 
HETATM 326 C C2    . ULF B 1 6  ? -3.405  -5.454  -1.885  1.00 14.59 ? 16  ULF B C2    1 
HETATM 327 O O2    . ULF B 1 6  ? -4.344  -5.994  -1.031  1.00 15.47 ? 16  ULF B O2    1 
ATOM   328 P P     . DA  B 1 7  ? -5.377  -7.195  -7.229  1.00 20.72 ? 17  DA  B P     1 
ATOM   329 O OP1   . DA  B 1 7  ? -5.810  -7.987  -8.424  1.00 23.39 ? 17  DA  B OP1   1 
ATOM   330 O OP2   . DA  B 1 7  ? -4.584  -5.907  -7.461  1.00 18.38 ? 17  DA  B OP2   1 
ATOM   331 O "O5'" . DA  B 1 7  ? -6.641  -6.699  -6.418  1.00 18.71 ? 17  DA  B "O5'" 1 
ATOM   332 C "C5'" . DA  B 1 7  ? -7.679  -7.632  -6.026  1.00 18.27 ? 17  DA  B "C5'" 1 
ATOM   333 C "C4'" . DA  B 1 7  ? -8.565  -6.985  -4.983  1.00 15.96 ? 17  DA  B "C4'" 1 
ATOM   334 O "O4'" . DA  B 1 7  ? -7.854  -6.742  -3.755  1.00 16.76 ? 17  DA  B "O4'" 1 
ATOM   335 C "C3'" . DA  B 1 7  ? -9.196  -5.648  -5.345  1.00 16.28 ? 17  DA  B "C3'" 1 
ATOM   336 O "O3'" . DA  B 1 7  ? -10.355 -5.857  -6.174  1.00 19.73 ? 17  DA  B "O3'" 1 
ATOM   337 C "C2'" . DA  B 1 7  ? -9.580  -5.117  -3.969  1.00 15.28 ? 17  DA  B "C2'" 1 
ATOM   338 C "C1'" . DA  B 1 7  ? -8.361  -5.533  -3.152  1.00 13.95 ? 17  DA  B "C1'" 1 
ATOM   339 N N9    . DA  B 1 7  ? -7.301  -4.511  -3.223  1.00 13.07 ? 17  DA  B N9    1 
ATOM   340 C C8    . DA  B 1 7  ? -6.222  -4.385  -4.058  1.00 12.12 ? 17  DA  B C8    1 
ATOM   341 N N7    . DA  B 1 7  ? -5.485  -3.326  -3.808  1.00 12.78 ? 17  DA  B N7    1 
ATOM   342 C C5    . DA  B 1 7  ? -6.167  -2.678  -2.785  1.00 11.17 ? 17  DA  B C5    1 
ATOM   343 C C6    . DA  B 1 7  ? -5.913  -1.486  -2.072  1.00 10.87 ? 17  DA  B C6    1 
ATOM   344 N N6    . DA  B 1 7  ? -4.866  -0.683  -2.315  1.00 10.00 ? 17  DA  B N6    1 
ATOM   345 N N1    . DA  B 1 7  ? -6.806  -1.120  -1.121  1.00 11.04 ? 17  DA  B N1    1 
ATOM   346 C C2    . DA  B 1 7  ? -7.851  -1.922  -0.880  1.00 10.44 ? 17  DA  B C2    1 
ATOM   347 N N3    . DA  B 1 7  ? -8.189  -3.068  -1.477  1.00 12.22 ? 17  DA  B N3    1 
ATOM   348 C C4    . DA  B 1 7  ? -7.290  -3.398  -2.419  1.00 11.44 ? 17  DA  B C4    1 
ATOM   349 P P     . DC  B 1 8  ? -10.655 -4.945  -7.441  1.00 23.19 ? 18  DC  B P     1 
ATOM   350 O OP1   . DC  B 1 8  ? -11.841 -5.555  -8.117  1.00 30.31 ? 18  DC  B OP1   1 
ATOM   351 O OP2   . DC  B 1 8  ? -9.443  -4.785  -8.244  1.00 26.06 ? 18  DC  B OP2   1 
ATOM   352 O "O5'" . DC  B 1 8  ? -11.121 -3.572  -6.756  1.00 20.97 ? 18  DC  B "O5'" 1 
ATOM   353 C "C5'" . DC  B 1 8  ? -12.322 -3.500  -5.947  1.00 20.63 ? 18  DC  B "C5'" 1 
ATOM   354 C "C4'" . DC  B 1 8  ? -12.319 -2.297  -5.029  1.00 19.24 ? 18  DC  B "C4'" 1 
ATOM   355 O "O4'" . DC  B 1 8  ? -11.120 -2.314  -4.224  1.00 17.36 ? 18  DC  B "O4'" 1 
ATOM   356 C "C3'" . DC  B 1 8  ? -12.277 -0.925  -5.700  1.00 21.01 ? 18  DC  B "C3'" 1 
ATOM   357 O "O3'" . DC  B 1 8  ? -13.519 -0.468  -6.238  1.00 25.29 ? 18  DC  B "O3'" 1 
ATOM   358 C "C2'" . DC  B 1 8  ? -11.842 -0.056  -4.530  1.00 17.79 ? 18  DC  B "C2'" 1 
ATOM   359 C "C1'" . DC  B 1 8  ? -10.796 -0.983  -3.851  1.00 16.16 ? 18  DC  B "C1'" 1 
ATOM   360 N N1    . DC  B 1 8  ? -9.427  -0.709  -4.296  1.00 16.13 ? 18  DC  B N1    1 
ATOM   361 C C2    . DC  B 1 8  ? -8.758  0.332   -3.666  1.00 15.32 ? 18  DC  B C2    1 
ATOM   362 O O2    . DC  B 1 8  ? -9.341  0.955   -2.772  1.00 16.03 ? 18  DC  B O2    1 
ATOM   363 N N3    . DC  B 1 8  ? -7.525  0.676   -4.082  1.00 14.46 ? 18  DC  B N3    1 
ATOM   364 C C4    . DC  B 1 8  ? -6.906  -0.056  -5.007  1.00 16.22 ? 18  DC  B C4    1 
ATOM   365 N N4    . DC  B 1 8  ? -5.661  0.291   -5.340  1.00 15.47 ? 18  DC  B N4    1 
ATOM   366 C C5    . DC  B 1 8  ? -7.554  -1.150  -5.661  1.00 17.80 ? 18  DC  B C5    1 
ATOM   367 C C6    . DC  B 1 8  ? -8.812  -1.431  -5.282  1.00 14.89 ? 18  DC  B C6    1 
ATOM   368 P P     . DG  B 1 9  ? -13.412 0.632   -7.461  1.00 27.42 ? 19  DG  B P     1 
ATOM   369 O OP1   . DG  B 1 9  ? -14.820 0.551   -7.849  1.00 29.88 ? 19  DG  B OP1   1 
ATOM   370 O OP2   . DG  B 1 9  ? -12.315 0.401   -8.449  1.00 26.33 ? 19  DG  B OP2   1 
ATOM   371 O "O5'" . DG  B 1 9  ? -13.168 2.042   -6.752  1.00 24.68 ? 19  DG  B "O5'" 1 
ATOM   372 C "C5'" . DG  B 1 9  ? -14.036 2.500   -5.702  1.00 21.00 ? 19  DG  B "C5'" 1 
ATOM   373 C "C4'" . DG  B 1 9  ? -13.354 3.596   -4.914  1.00 16.64 ? 19  DG  B "C4'" 1 
ATOM   374 O "O4'" . DG  B 1 9  ? -12.058 3.118   -4.532  1.00 16.06 ? 19  DG  B "O4'" 1 
ATOM   375 C "C3'" . DG  B 1 9  ? -13.061 4.909   -5.636  1.00 18.68 ? 19  DG  B "C3'" 1 
ATOM   376 O "O3'" . DG  B 1 9  ? -14.083 5.876   -5.436  1.00 18.38 ? 19  DG  B "O3'" 1 
ATOM   377 C "C2'" . DG  B 1 9  ? -11.956 5.493   -4.779  1.00 15.00 ? 19  DG  B "C2'" 1 
ATOM   378 C "C1'" . DG  B 1 9  ? -11.175 4.241   -4.406  1.00 13.91 ? 19  DG  B "C1'" 1 
ATOM   379 N N9    . DG  B 1 9  ? -9.977  3.964   -5.187  1.00 13.43 ? 19  DG  B N9    1 
ATOM   380 C C8    . DG  B 1 9  ? -9.694  2.861   -5.956  1.00 13.10 ? 19  DG  B C8    1 
ATOM   381 N N7    . DG  B 1 9  ? -8.504  2.908   -6.495  1.00 12.81 ? 19  DG  B N7    1 
ATOM   382 C C5    . DG  B 1 9  ? -7.913  4.033   -5.934  1.00 12.27 ? 19  DG  B C5    1 
ATOM   383 C C6    . DG  B 1 9  ? -6.597  4.560   -6.078  1.00 11.62 ? 19  DG  B C6    1 
ATOM   384 O O6    . DG  B 1 9  ? -5.642  4.105   -6.731  1.00 13.19 ? 19  DG  B O6    1 
ATOM   385 N N1    . DG  B 1 9  ? -6.450  5.756   -5.390  1.00 11.12 ? 19  DG  B N1    1 
ATOM   386 C C2    . DG  B 1 9  ? -7.422  6.353   -4.624  1.00 10.74 ? 19  DG  B C2    1 
ATOM   387 N N2    . DG  B 1 9  ? -7.075  7.476   -4.016  1.00 10.78 ? 19  DG  B N2    1 
ATOM   388 N N3    . DG  B 1 9  ? -8.639  5.859   -4.455  1.00 11.62 ? 19  DG  B N3    1 
ATOM   389 C C4    . DG  B 1 9  ? -8.819  4.717   -5.147  1.00 12.32 ? 19  DG  B C4    1 
ATOM   390 P P     . DC  B 1 10 ? -14.344 7.089   -6.489  1.00 22.92 ? 20  DC  B P     1 
ATOM   391 O OP1   . DC  B 1 10 ? -15.668 7.565   -5.990  1.00 23.94 ? 20  DC  B OP1   1 
ATOM   392 O OP2   . DC  B 1 10 ? -14.141 6.554   -7.824  1.00 25.69 ? 20  DC  B OP2   1 
ATOM   393 O "O5'" . DC  B 1 10 ? -13.298 8.248   -6.178  1.00 17.93 ? 20  DC  B "O5'" 1 
ATOM   394 C "C5'" . DC  B 1 10 ? -13.234 8.903   -4.912  1.00 18.03 ? 20  DC  B "C5'" 1 
ATOM   395 C "C4'" . DC  B 1 10 ? -12.050 9.833   -4.938  1.00 19.50 ? 20  DC  B "C4'" 1 
ATOM   396 O "O4'" . DC  B 1 10 ? -10.893 8.994   -5.002  1.00 18.00 ? 20  DC  B "O4'" 1 
ATOM   397 C "C3'" . DC  B 1 10 ? -11.969 10.704  -6.193  1.00 19.96 ? 20  DC  B "C3'" 1 
ATOM   398 O "O3'" . DC  B 1 10 ? -12.582 11.984  -6.003  1.00 24.39 ? 20  DC  B "O3'" 1 
ATOM   399 C "C2'" . DC  B 1 10 ? -10.482 10.927  -6.348  1.00 19.50 ? 20  DC  B "C2'" 1 
ATOM   400 C "C1'" . DC  B 1 10 ? -9.874  9.681   -5.701  1.00 18.81 ? 20  DC  B "C1'" 1 
ATOM   401 N N1    . DC  B 1 10 ? -9.219  8.743   -6.624  1.00 15.34 ? 20  DC  B N1    1 
ATOM   402 C C2    . DC  B 1 10 ? -7.886  8.993   -6.922  1.00 14.44 ? 20  DC  B C2    1 
ATOM   403 O O2    . DC  B 1 10 ? -7.349  9.982   -6.431  1.00 14.29 ? 20  DC  B O2    1 
ATOM   404 N N3    . DC  B 1 10 ? -7.195  8.111   -7.683  1.00 13.51 ? 20  DC  B N3    1 
ATOM   405 C C4    . DC  B 1 10 ? -7.818  7.058   -8.208  1.00 15.36 ? 20  DC  B C4    1 
ATOM   406 N N4    . DC  B 1 10 ? -7.105  6.244   -8.994  1.00 15.70 ? 20  DC  B N4    1 
ATOM   407 C C5    . DC  B 1 10 ? -9.191  6.777   -7.929  1.00 14.07 ? 20  DC  B C5    1 
ATOM   408 C C6    . DC  B 1 10 ? -9.842  7.629   -7.123  1.00 14.85 ? 20  DC  B C6    1 
HETATM 409 O O     . HOH C 2 .  ? 14.633  -5.424  0.889   1.00 24.41 ? 101 HOH A O     1 
HETATM 410 O O     . HOH C 2 .  ? -4.964  3.769   4.730   1.00 15.55 ? 102 HOH A O     1 
HETATM 411 O O     . HOH C 2 .  ? -0.988  4.788   -10.518 1.00 20.11 ? 103 HOH A O     1 
HETATM 412 O O     . HOH C 2 .  ? 12.445  -3.667  1.322   1.00 16.24 ? 104 HOH A O     1 
HETATM 413 O O     . HOH C 2 .  ? 2.673   -2.576  7.860   1.00 26.86 ? 105 HOH A O     1 
HETATM 414 O O     . HOH C 2 .  ? 11.323  -6.093  8.598   1.00 23.76 ? 106 HOH A O     1 
HETATM 415 O O     . HOH C 2 .  ? -3.063  2.522   6.064   1.00 28.27 ? 107 HOH A O     1 
HETATM 416 O O     . HOH C 2 .  ? -1.740  1.533   2.918   1.00 27.94 ? 108 HOH A O     1 
HETATM 417 O O     . HOH C 2 .  ? -1.968  -2.417  8.377   1.00 29.86 ? 109 HOH A O     1 
HETATM 418 O O     . HOH C 2 .  ? 0.289   -2.746  6.235   1.00 29.23 ? 110 HOH A O     1 
HETATM 419 O O     . HOH C 2 .  ? 7.460   -7.551  0.888   1.00 18.95 ? 111 HOH A O     1 
HETATM 420 O O     . HOH C 2 .  ? 9.869   -6.960  0.308   1.00 19.51 ? 112 HOH A O     1 
HETATM 421 O O     . HOH C 2 .  ? 12.491  -7.738  1.195   1.00 19.27 ? 113 HOH A O     1 
HETATM 422 O O     . HOH C 2 .  ? -3.880  4.114   -10.013 1.00 21.55 ? 114 HOH A O     1 
HETATM 423 O O     . HOH C 2 .  ? -5.602  11.379  -3.788  1.00 27.75 ? 115 HOH A O     1 
HETATM 424 O O     . HOH C 2 .  ? -0.871  5.080   0.285   1.00 32.08 ? 116 HOH A O     1 
HETATM 425 O O     . HOH C 2 .  ? -5.962  6.842   7.555   1.00 33.14 ? 117 HOH A O     1 
HETATM 426 O O     . HOH C 2 .  ? -4.640  -3.551  12.302  1.00 35.05 ? 118 HOH A O     1 
HETATM 427 O O     . HOH C 2 .  ? -9.164  -1.932  10.287  1.00 31.85 ? 119 HOH A O     1 
HETATM 428 O O     . HOH C 2 .  ? -2.097  2.099   -1.025  1.00 23.32 ? 120 HOH A O     1 
HETATM 429 O O     . HOH C 2 .  ? -8.118  -4.458  2.868   1.00 24.84 ? 121 HOH A O     1 
HETATM 430 O O     . HOH C 2 .  ? -10.803 7.106   7.118   1.00 25.47 ? 122 HOH A O     1 
HETATM 431 O O     . HOH C 2 .  ? 6.100   -1.007  7.804   0.50 14.79 ? 123 HOH A O     1 
HETATM 432 O O     . HOH C 2 .  ? 7.636   -13.563 6.230   1.00 27.68 ? 124 HOH A O     1 
HETATM 433 O O     . HOH C 2 .  ? 15.315  -10.735 3.894   0.50 13.86 ? 125 HOH A O     1 
HETATM 434 O O     . HOH C 2 .  ? -4.707  -8.325  10.753  1.00 30.63 ? 126 HOH A O     1 
HETATM 435 O O     . HOH C 2 .  ? -7.652  10.045  5.691   1.00 41.51 ? 127 HOH A O     1 
HETATM 436 O O     . HOH C 2 .  ? -0.634  8.461   3.560   1.00 28.13 ? 128 HOH A O     1 
HETATM 437 O O     . HOH C 2 .  ? -1.204  3.380   -3.933  0.50 18.84 ? 129 HOH A O     1 
HETATM 438 O O     . HOH C 2 .  ? 1.899   6.586   -7.082  1.00 39.64 ? 130 HOH A O     1 
HETATM 439 O O     . HOH C 2 .  ? 1.815   -5.690  8.590   1.00 39.90 ? 131 HOH A O     1 
HETATM 440 O O     . HOH C 2 .  ? 6.654   -4.218  8.218   1.00 31.26 ? 132 HOH A O     1 
HETATM 441 O O     . HOH C 2 .  ? -3.128  -8.517  2.786   1.00 31.34 ? 133 HOH A O     1 
HETATM 442 O O     . HOH C 2 .  ? 18.288  -7.323  5.629   0.50 9.15  ? 134 HOH A O     1 
HETATM 443 O O     . HOH C 2 .  ? -1.796  6.372   3.450   0.50 14.88 ? 135 HOH A O     1 
HETATM 444 O O     . HOH C 2 .  ? -3.325  -0.322  6.941   0.50 19.33 ? 136 HOH A O     1 
HETATM 445 O O     . HOH C 2 .  ? 0.413   0.317   3.109   0.50 19.62 ? 137 HOH A O     1 
HETATM 446 O O     . HOH D 2 .  ? -2.098  -4.731  -7.427  0.50 16.13 ? 101 HOH B O     1 
HETATM 447 O O     . HOH D 2 .  ? 3.935   -1.169  -4.659  1.00 30.55 ? 102 HOH B O     1 
HETATM 448 O O     . HOH D 2 .  ? 1.937   -1.430  -3.097  1.00 23.53 ? 103 HOH B O     1 
HETATM 449 O O     . HOH D 2 .  ? 5.061   2.728   3.128   1.00 24.72 ? 104 HOH B O     1 
HETATM 450 O O     . HOH D 2 .  ? 6.924   4.481   0.801   1.00 24.05 ? 105 HOH B O     1 
HETATM 451 O O     . HOH D 2 .  ? 5.357   10.566  5.959   1.00 36.16 ? 106 HOH B O     1 
HETATM 452 O O     . HOH D 2 .  ? -8.291  3.596   -9.734  1.00 16.06 ? 107 HOH B O     1 
HETATM 453 O O     . HOH D 2 .  ? -7.564  1.273   -8.443  1.00 27.09 ? 108 HOH B O     1 
HETATM 454 O O     . HOH D 2 .  ? -5.985  -3.692  -7.715  1.00 27.25 ? 109 HOH B O     1 
HETATM 455 O O     . HOH D 2 .  ? -3.506  -2.349  -5.596  1.00 20.51 ? 110 HOH B O     1 
HETATM 456 O O     . HOH D 2 .  ? -8.199  -9.012  -1.618  1.00 26.53 ? 111 HOH B O     1 
HETATM 457 O O     . HOH D 2 .  ? 9.993   -4.158  -0.371  1.00 23.87 ? 112 HOH B O     1 
HETATM 458 O O     . HOH D 2 .  ? 1.087   -3.811  -5.935  1.00 36.30 ? 113 HOH B O     1 
HETATM 459 O O     . HOH D 2 .  ? -4.366  2.026   -8.128  1.00 27.23 ? 114 HOH B O     1 
HETATM 460 O O     . HOH D 2 .  ? -16.588 8.902   -9.664  1.00 31.44 ? 115 HOH B O     1 
HETATM 461 O O     . HOH D 2 .  ? 2.306   0.527   1.481   1.00 27.93 ? 116 HOH B O     1 
HETATM 462 O O     . HOH D 2 .  ? 11.781  9.979   -1.157  0.50 9.95  ? 117 HOH B O     1 
HETATM 463 O O     . HOH D 2 .  ? 10.255  9.120   -3.652  0.50 16.20 ? 118 HOH B O     1 
HETATM 464 O O     . HOH D 2 .  ? 5.127   3.092   -1.108  1.00 26.12 ? 119 HOH B O     1 
HETATM 465 O O     . HOH D 2 .  ? -0.513  -0.258  -3.482  1.00 30.48 ? 120 HOH B O     1 
HETATM 466 O O     . HOH D 2 .  ? -6.458  -7.311  -0.849  1.00 28.74 ? 121 HOH B O     1 
HETATM 467 O O     . HOH D 2 .  ? -9.351  -4.877  0.212   1.00 28.28 ? 122 HOH B O     1 
HETATM 468 O O     . HOH D 2 .  ? 7.891   12.274  6.850   0.50 20.65 ? 123 HOH B O     1 
HETATM 469 O O     . HOH D 2 .  ? 12.337  11.133  5.071   1.00 35.10 ? 124 HOH B O     1 
HETATM 470 O O     . HOH D 2 .  ? 7.035   8.587   -1.081  1.00 37.19 ? 125 HOH B O     1 
HETATM 471 O O     . HOH D 2 .  ? -12.249 6.477   -9.268  1.00 29.98 ? 126 HOH B O     1 
HETATM 472 O O     . HOH D 2 .  ? -9.307  -1.224  -9.185  1.00 30.02 ? 127 HOH B O     1 
HETATM 473 O O     . HOH D 2 .  ? 5.579   3.766   6.405   0.50 22.42 ? 128 HOH B O     1 
HETATM 474 O O     . HOH D 2 .  ? -11.180 3.272   -9.203  0.50 23.78 ? 129 HOH B O     1 
HETATM 475 O O     . HOH D 2 .  ? -12.582 4.330   -10.436 0.50 18.99 ? 130 HOH B O     1 
HETATM 476 O O     . HOH D 2 .  ? 4.012   0.761   5.411   0.50 17.18 ? 131 HOH B O     1 
# 
loop_
_pdbx_poly_seq_scheme.asym_id 
_pdbx_poly_seq_scheme.entity_id 
_pdbx_poly_seq_scheme.seq_id 
_pdbx_poly_seq_scheme.mon_id 
_pdbx_poly_seq_scheme.ndb_seq_num 
_pdbx_poly_seq_scheme.pdb_seq_num 
_pdbx_poly_seq_scheme.auth_seq_num 
_pdbx_poly_seq_scheme.pdb_mon_id 
_pdbx_poly_seq_scheme.auth_mon_id 
_pdbx_poly_seq_scheme.pdb_strand_id 
_pdbx_poly_seq_scheme.pdb_ins_code 
_pdbx_poly_seq_scheme.hetero 
A 1 1  DG  1  1  1  DG  DG  A . n 
A 1 2  DC  2  2  2  DC  DC  A . n 
A 1 3  DG  3  3  3  DG  DG  A . n 
A 1 4  DT  4  4  4  DT  DT  A . n 
A 1 5  DA  5  5  5  DA  DA  A . n 
A 1 6  ULF 6  6  6  ULF ULF A . n 
A 1 7  DA  7  7  7  DA  DA  A . n 
A 1 8  DC  8  8  8  DC  DC  A . n 
A 1 9  DG  9  9  9  DG  DG  A . n 
A 1 10 DC  10 10 10 DC  DC  A . n 
B 1 1  DG  1  11 11 DG  DG  B . n 
B 1 2  DC  2  12 12 DC  DC  B . n 
B 1 3  DG  3  13 13 DG  DG  B . n 
B 1 4  DT  4  14 14 DT  DT  B . n 
B 1 5  DA  5  15 15 DA  DA  B . n 
B 1 6  ULF 6  16 16 ULF ULF B . n 
B 1 7  DA  7  17 17 DA  DA  B . n 
B 1 8  DC  8  18 18 DC  DC  B . n 
B 1 9  DG  9  19 19 DG  DG  B . n 
B 1 10 DC  10 20 20 DC  DC  B . n 
# 
loop_
_pdbx_nonpoly_scheme.asym_id 
_pdbx_nonpoly_scheme.entity_id 
_pdbx_nonpoly_scheme.mon_id 
_pdbx_nonpoly_scheme.ndb_seq_num 
_pdbx_nonpoly_scheme.pdb_seq_num 
_pdbx_nonpoly_scheme.auth_seq_num 
_pdbx_nonpoly_scheme.pdb_mon_id 
_pdbx_nonpoly_scheme.auth_mon_id 
_pdbx_nonpoly_scheme.pdb_strand_id 
_pdbx_nonpoly_scheme.pdb_ins_code 
C 2 HOH 1  101 1  HOH HOH A . 
C 2 HOH 2  102 2  HOH HOH A . 
C 2 HOH 3  103 4  HOH HOH A . 
C 2 HOH 4  104 5  HOH HOH A . 
C 2 HOH 5  105 6  HOH HOH A . 
C 2 HOH 6  106 7  HOH HOH A . 
C 2 HOH 7  107 10 HOH HOH A . 
C 2 HOH 8  108 11 HOH HOH A . 
C 2 HOH 9  109 12 HOH HOH A . 
C 2 HOH 10 110 13 HOH HOH A . 
C 2 HOH 11 111 16 HOH HOH A . 
C 2 HOH 12 112 17 HOH HOH A . 
C 2 HOH 13 113 18 HOH HOH A . 
C 2 HOH 14 114 19 HOH HOH A . 
C 2 HOH 15 115 20 HOH HOH A . 
C 2 HOH 16 116 22 HOH HOH A . 
C 2 HOH 17 117 23 HOH HOH A . 
C 2 HOH 18 118 24 HOH HOH A . 
C 2 HOH 19 119 25 HOH HOH A . 
C 2 HOH 20 120 30 HOH HOH A . 
C 2 HOH 21 121 31 HOH HOH A . 
C 2 HOH 22 122 35 HOH HOH A . 
C 2 HOH 23 123 38 HOH HOH A . 
C 2 HOH 24 124 39 HOH HOH A . 
C 2 HOH 25 125 40 HOH HOH A . 
C 2 HOH 26 126 45 HOH HOH A . 
C 2 HOH 27 127 46 HOH HOH A . 
C 2 HOH 28 128 47 HOH HOH A . 
C 2 HOH 29 129 51 HOH HOH A . 
C 2 HOH 30 130 53 HOH HOH A . 
C 2 HOH 31 131 54 HOH HOH A . 
C 2 HOH 32 132 55 HOH HOH A . 
C 2 HOH 33 133 57 HOH HOH A . 
C 2 HOH 34 134 62 HOH HOH A . 
C 2 HOH 35 135 63 HOH HOH A . 
C 2 HOH 36 136 64 HOH HOH A . 
C 2 HOH 37 137 67 HOH HOH A . 
D 2 HOH 1  101 3  HOH HOH B . 
D 2 HOH 2  102 8  HOH HOH B . 
D 2 HOH 3  103 9  HOH HOH B . 
D 2 HOH 4  104 14 HOH HOH B . 
D 2 HOH 5  105 15 HOH HOH B . 
D 2 HOH 6  106 21 HOH HOH B . 
D 2 HOH 7  107 26 HOH HOH B . 
D 2 HOH 8  108 27 HOH HOH B . 
D 2 HOH 9  109 28 HOH HOH B . 
D 2 HOH 10 110 29 HOH HOH B . 
D 2 HOH 11 111 32 HOH HOH B . 
D 2 HOH 12 112 33 HOH HOH B . 
D 2 HOH 13 113 34 HOH HOH B . 
D 2 HOH 14 114 36 HOH HOH B . 
D 2 HOH 15 115 37 HOH HOH B . 
D 2 HOH 16 116 41 HOH HOH B . 
D 2 HOH 17 117 42 HOH HOH B . 
D 2 HOH 18 118 43 HOH HOH B . 
D 2 HOH 19 119 44 HOH HOH B . 
D 2 HOH 20 120 48 HOH HOH B . 
D 2 HOH 21 121 49 HOH HOH B . 
D 2 HOH 22 122 50 HOH HOH B . 
D 2 HOH 23 123 52 HOH HOH B . 
D 2 HOH 24 124 56 HOH HOH B . 
D 2 HOH 25 125 58 HOH HOH B . 
D 2 HOH 26 126 59 HOH HOH B . 
D 2 HOH 27 127 60 HOH HOH B . 
D 2 HOH 28 128 61 HOH HOH B . 
D 2 HOH 29 129 65 HOH HOH B . 
D 2 HOH 30 130 66 HOH HOH B . 
D 2 HOH 31 131 68 HOH HOH B . 
# 
_pdbx_struct_assembly.id                   1 
_pdbx_struct_assembly.details              author_and_software_defined_assembly 
_pdbx_struct_assembly.method_details       PISA 
_pdbx_struct_assembly.oligomeric_details   dimeric 
_pdbx_struct_assembly.oligomeric_count     2 
# 
_pdbx_struct_assembly_gen.assembly_id       1 
_pdbx_struct_assembly_gen.oper_expression   1 
_pdbx_struct_assembly_gen.asym_id_list      A,B,C,D 
# 
loop_
_pdbx_struct_assembly_prop.biol_id 
_pdbx_struct_assembly_prop.type 
_pdbx_struct_assembly_prop.value 
_pdbx_struct_assembly_prop.details 
1 'ABSA (A^2)' 980  ? 
1 MORE         -2   ? 
1 'SSA (A^2)'  3790 ? 
# 
_pdbx_struct_oper_list.id                   1 
_pdbx_struct_oper_list.type                 'identity operation' 
_pdbx_struct_oper_list.name                 1_555 
_pdbx_struct_oper_list.symmetry_operation   x,y,z 
_pdbx_struct_oper_list.matrix[1][1]         1.0000000000 
_pdbx_struct_oper_list.matrix[1][2]         0.0000000000 
_pdbx_struct_oper_list.matrix[1][3]         0.0000000000 
_pdbx_struct_oper_list.vector[1]            0.0000000000 
_pdbx_struct_oper_list.matrix[2][1]         0.0000000000 
_pdbx_struct_oper_list.matrix[2][2]         1.0000000000 
_pdbx_struct_oper_list.matrix[2][3]         0.0000000000 
_pdbx_struct_oper_list.vector[2]            0.0000000000 
_pdbx_struct_oper_list.matrix[3][1]         0.0000000000 
_pdbx_struct_oper_list.matrix[3][2]         0.0000000000 
_pdbx_struct_oper_list.matrix[3][3]         1.0000000000 
_pdbx_struct_oper_list.vector[3]            0.0000000000 
# 
loop_
_pdbx_audit_revision_history.ordinal 
_pdbx_audit_revision_history.data_content_type 
_pdbx_audit_revision_history.major_revision 
_pdbx_audit_revision_history.minor_revision 
_pdbx_audit_revision_history.revision_date 
1 'Structure model' 1 0 2013-11-20 
2 'Structure model' 1 1 2023-09-20 
# 
_pdbx_audit_revision_details.ordinal             1 
_pdbx_audit_revision_details.revision_ordinal    1 
_pdbx_audit_revision_details.data_content_type   'Structure model' 
_pdbx_audit_revision_details.provider            repository 
_pdbx_audit_revision_details.type                'Initial release' 
_pdbx_audit_revision_details.description         ? 
_pdbx_audit_revision_details.details             ? 
# 
loop_
_pdbx_audit_revision_group.ordinal 
_pdbx_audit_revision_group.revision_ordinal 
_pdbx_audit_revision_group.data_content_type 
_pdbx_audit_revision_group.group 
1 2 'Structure model' 'Data collection'        
2 2 'Structure model' 'Database references'    
3 2 'Structure model' 'Derived calculations'   
4 2 'Structure model' 'Refinement description' 
# 
loop_
_pdbx_audit_revision_category.ordinal 
_pdbx_audit_revision_category.revision_ordinal 
_pdbx_audit_revision_category.data_content_type 
_pdbx_audit_revision_category.category 
1 2 'Structure model' chem_comp_atom                
2 2 'Structure model' chem_comp_bond                
3 2 'Structure model' database_2                    
4 2 'Structure model' pdbx_initial_refinement_model 
5 2 'Structure model' struct_conn                   
# 
loop_
_pdbx_audit_revision_item.ordinal 
_pdbx_audit_revision_item.revision_ordinal 
_pdbx_audit_revision_item.data_content_type 
_pdbx_audit_revision_item.item 
1 2 'Structure model' '_database_2.pdbx_DOI'                
2 2 'Structure model' '_database_2.pdbx_database_accession' 
3 2 'Structure model' '_struct_conn.pdbx_leaving_atom_flag' 
# 
loop_
_software.name 
_software.classification 
_software.version 
_software.citation_id 
_software.pdbx_ordinal 
MD2      'data collection' 'diffractometer software from EMBL (with LS-CAT developed extensions)' ? 1 
CCP4     'model building'  .                                                                      ? 2 
MOLREP   phasing           .                                                                      ? 3 
REFMAC   refinement        5.6.0117                                                               ? 4 
HKL-2000 'data reduction'  .                                                                      ? 5 
HKL-2000 'data scaling'    .                                                                      ? 6 
CCP4     phasing           .                                                                      ? 7 
# 
_pdbx_validate_rmsd_bond.id                        1 
_pdbx_validate_rmsd_bond.PDB_model_num             1 
_pdbx_validate_rmsd_bond.auth_atom_id_1            "O3'" 
_pdbx_validate_rmsd_bond.auth_asym_id_1            A 
_pdbx_validate_rmsd_bond.auth_comp_id_1            DG 
_pdbx_validate_rmsd_bond.auth_seq_id_1             9 
_pdbx_validate_rmsd_bond.PDB_ins_code_1            ? 
_pdbx_validate_rmsd_bond.label_alt_id_1            ? 
_pdbx_validate_rmsd_bond.auth_atom_id_2            P 
_pdbx_validate_rmsd_bond.auth_asym_id_2            A 
_pdbx_validate_rmsd_bond.auth_comp_id_2            DC 
_pdbx_validate_rmsd_bond.auth_seq_id_2             10 
_pdbx_validate_rmsd_bond.PDB_ins_code_2            ? 
_pdbx_validate_rmsd_bond.label_alt_id_2            ? 
_pdbx_validate_rmsd_bond.bond_value                1.527 
_pdbx_validate_rmsd_bond.bond_target_value         1.607 
_pdbx_validate_rmsd_bond.bond_deviation            -0.080 
_pdbx_validate_rmsd_bond.bond_standard_deviation   0.012 
_pdbx_validate_rmsd_bond.linker_flag               Y 
# 
loop_
_pdbx_validate_rmsd_angle.id 
_pdbx_validate_rmsd_angle.PDB_model_num 
_pdbx_validate_rmsd_angle.auth_atom_id_1 
_pdbx_validate_rmsd_angle.auth_asym_id_1 
_pdbx_validate_rmsd_angle.auth_comp_id_1 
_pdbx_validate_rmsd_angle.auth_seq_id_1 
_pdbx_validate_rmsd_angle.PDB_ins_code_1 
_pdbx_validate_rmsd_angle.label_alt_id_1 
_pdbx_validate_rmsd_angle.auth_atom_id_2 
_pdbx_validate_rmsd_angle.auth_asym_id_2 
_pdbx_validate_rmsd_angle.auth_comp_id_2 
_pdbx_validate_rmsd_angle.auth_seq_id_2 
_pdbx_validate_rmsd_angle.PDB_ins_code_2 
_pdbx_validate_rmsd_angle.label_alt_id_2 
_pdbx_validate_rmsd_angle.auth_atom_id_3 
_pdbx_validate_rmsd_angle.auth_asym_id_3 
_pdbx_validate_rmsd_angle.auth_comp_id_3 
_pdbx_validate_rmsd_angle.auth_seq_id_3 
_pdbx_validate_rmsd_angle.PDB_ins_code_3 
_pdbx_validate_rmsd_angle.label_alt_id_3 
_pdbx_validate_rmsd_angle.angle_value 
_pdbx_validate_rmsd_angle.angle_target_value 
_pdbx_validate_rmsd_angle.angle_deviation 
_pdbx_validate_rmsd_angle.angle_standard_deviation 
_pdbx_validate_rmsd_angle.linker_flag 
1 1 "O3'" A DA 5 ? ? P     A ULF 6 ? ? OP2   A ULF 6 ? ? 118.47 110.50 7.97  1.10 Y 
2 1 "O4'" A DG 9 ? ? "C4'" A DG  9 ? ? "C3'" A DG  9 ? ? 101.93 104.50 -2.57 0.40 N 
# 
loop_
_chem_comp_atom.comp_id 
_chem_comp_atom.atom_id 
_chem_comp_atom.type_symbol 
_chem_comp_atom.pdbx_aromatic_flag 
_chem_comp_atom.pdbx_stereo_config 
_chem_comp_atom.pdbx_ordinal 
DA  OP3    O N N 1   
DA  P      P N N 2   
DA  OP1    O N N 3   
DA  OP2    O N N 4   
DA  "O5'"  O N N 5   
DA  "C5'"  C N N 6   
DA  "C4'"  C N R 7   
DA  "O4'"  O N N 8   
DA  "C3'"  C N S 9   
DA  "O3'"  O N N 10  
DA  "C2'"  C N N 11  
DA  "C1'"  C N R 12  
DA  N9     N Y N 13  
DA  C8     C Y N 14  
DA  N7     N Y N 15  
DA  C5     C Y N 16  
DA  C6     C Y N 17  
DA  N6     N N N 18  
DA  N1     N Y N 19  
DA  C2     C Y N 20  
DA  N3     N Y N 21  
DA  C4     C Y N 22  
DA  HOP3   H N N 23  
DA  HOP2   H N N 24  
DA  "H5'"  H N N 25  
DA  "H5''" H N N 26  
DA  "H4'"  H N N 27  
DA  "H3'"  H N N 28  
DA  "HO3'" H N N 29  
DA  "H2'"  H N N 30  
DA  "H2''" H N N 31  
DA  "H1'"  H N N 32  
DA  H8     H N N 33  
DA  H61    H N N 34  
DA  H62    H N N 35  
DA  H2     H N N 36  
DC  OP3    O N N 37  
DC  P      P N N 38  
DC  OP1    O N N 39  
DC  OP2    O N N 40  
DC  "O5'"  O N N 41  
DC  "C5'"  C N N 42  
DC  "C4'"  C N R 43  
DC  "O4'"  O N N 44  
DC  "C3'"  C N S 45  
DC  "O3'"  O N N 46  
DC  "C2'"  C N N 47  
DC  "C1'"  C N R 48  
DC  N1     N N N 49  
DC  C2     C N N 50  
DC  O2     O N N 51  
DC  N3     N N N 52  
DC  C4     C N N 53  
DC  N4     N N N 54  
DC  C5     C N N 55  
DC  C6     C N N 56  
DC  HOP3   H N N 57  
DC  HOP2   H N N 58  
DC  "H5'"  H N N 59  
DC  "H5''" H N N 60  
DC  "H4'"  H N N 61  
DC  "H3'"  H N N 62  
DC  "HO3'" H N N 63  
DC  "H2'"  H N N 64  
DC  "H2''" H N N 65  
DC  "H1'"  H N N 66  
DC  H41    H N N 67  
DC  H42    H N N 68  
DC  H5     H N N 69  
DC  H6     H N N 70  
DG  OP3    O N N 71  
DG  P      P N N 72  
DG  OP1    O N N 73  
DG  OP2    O N N 74  
DG  "O5'"  O N N 75  
DG  "C5'"  C N N 76  
DG  "C4'"  C N R 77  
DG  "O4'"  O N N 78  
DG  "C3'"  C N S 79  
DG  "O3'"  O N N 80  
DG  "C2'"  C N N 81  
DG  "C1'"  C N R 82  
DG  N9     N Y N 83  
DG  C8     C Y N 84  
DG  N7     N Y N 85  
DG  C5     C Y N 86  
DG  C6     C N N 87  
DG  O6     O N N 88  
DG  N1     N N N 89  
DG  C2     C N N 90  
DG  N2     N N N 91  
DG  N3     N N N 92  
DG  C4     C Y N 93  
DG  HOP3   H N N 94  
DG  HOP2   H N N 95  
DG  "H5'"  H N N 96  
DG  "H5''" H N N 97  
DG  "H4'"  H N N 98  
DG  "H3'"  H N N 99  
DG  "HO3'" H N N 100 
DG  "H2'"  H N N 101 
DG  "H2''" H N N 102 
DG  "H1'"  H N N 103 
DG  H8     H N N 104 
DG  H1     H N N 105 
DG  H21    H N N 106 
DG  H22    H N N 107 
DT  OP3    O N N 108 
DT  P      P N N 109 
DT  OP1    O N N 110 
DT  OP2    O N N 111 
DT  "O5'"  O N N 112 
DT  "C5'"  C N N 113 
DT  "C4'"  C N R 114 
DT  "O4'"  O N N 115 
DT  "C3'"  C N S 116 
DT  "O3'"  O N N 117 
DT  "C2'"  C N N 118 
DT  "C1'"  C N R 119 
DT  N1     N N N 120 
DT  C2     C N N 121 
DT  O2     O N N 122 
DT  N3     N N N 123 
DT  C4     C N N 124 
DT  O4     O N N 125 
DT  C5     C N N 126 
DT  C7     C N N 127 
DT  C6     C N N 128 
DT  HOP3   H N N 129 
DT  HOP2   H N N 130 
DT  "H5'"  H N N 131 
DT  "H5''" H N N 132 
DT  "H4'"  H N N 133 
DT  "H3'"  H N N 134 
DT  "HO3'" H N N 135 
DT  "H2'"  H N N 136 
DT  "H2''" H N N 137 
DT  "H1'"  H N N 138 
DT  H3     H N N 139 
DT  H71    H N N 140 
DT  H72    H N N 141 
DT  H73    H N N 142 
DT  H6     H N N 143 
HOH O      O N N 144 
HOH H1     H N N 145 
HOH H2     H N N 146 
ULF "F7'"  F N N 147 
ULF "C6'"  C N R 148 
ULF "C8'"  C N N 149 
ULF "C2'"  C N R 150 
ULF "C3'"  C N S 151 
ULF "O3'"  O N N 152 
ULF "C1'"  C N R 153 
ULF "O4'"  O N N 154 
ULF "C4'"  C N R 155 
ULF "C5'"  C N N 156 
ULF "O5'"  O N N 157 
ULF P      P N N 158 
ULF OP2    O N N 159 
ULF OP1    O N N 160 
ULF N1     N N N 161 
ULF C6     C N N 162 
ULF C5     C N N 163 
ULF C4     C N N 164 
ULF O4     O N N 165 
ULF N3     N N N 166 
ULF C2     C N N 167 
ULF O2     O N N 168 
ULF H1     H N N 169 
ULF H2     H N N 170 
ULF H3     H N N 171 
ULF H4     H N N 172 
ULF H5     H N N 173 
ULF H6     H N N 174 
ULF H7     H N N 175 
ULF H8     H N N 176 
ULF H9     H N N 177 
ULF H12    H N N 178 
ULF H13    H N N 179 
ULF H14    H N N 180 
ULF OP3    O N N 181 
ULF H10    H N N 182 
ULF H11    H N N 183 
# 
loop_
_chem_comp_bond.comp_id 
_chem_comp_bond.atom_id_1 
_chem_comp_bond.atom_id_2 
_chem_comp_bond.value_order 
_chem_comp_bond.pdbx_aromatic_flag 
_chem_comp_bond.pdbx_stereo_config 
_chem_comp_bond.pdbx_ordinal 
DA  OP3   P      sing N N 1   
DA  OP3   HOP3   sing N N 2   
DA  P     OP1    doub N N 3   
DA  P     OP2    sing N N 4   
DA  P     "O5'"  sing N N 5   
DA  OP2   HOP2   sing N N 6   
DA  "O5'" "C5'"  sing N N 7   
DA  "C5'" "C4'"  sing N N 8   
DA  "C5'" "H5'"  sing N N 9   
DA  "C5'" "H5''" sing N N 10  
DA  "C4'" "O4'"  sing N N 11  
DA  "C4'" "C3'"  sing N N 12  
DA  "C4'" "H4'"  sing N N 13  
DA  "O4'" "C1'"  sing N N 14  
DA  "C3'" "O3'"  sing N N 15  
DA  "C3'" "C2'"  sing N N 16  
DA  "C3'" "H3'"  sing N N 17  
DA  "O3'" "HO3'" sing N N 18  
DA  "C2'" "C1'"  sing N N 19  
DA  "C2'" "H2'"  sing N N 20  
DA  "C2'" "H2''" sing N N 21  
DA  "C1'" N9     sing N N 22  
DA  "C1'" "H1'"  sing N N 23  
DA  N9    C8     sing Y N 24  
DA  N9    C4     sing Y N 25  
DA  C8    N7     doub Y N 26  
DA  C8    H8     sing N N 27  
DA  N7    C5     sing Y N 28  
DA  C5    C6     sing Y N 29  
DA  C5    C4     doub Y N 30  
DA  C6    N6     sing N N 31  
DA  C6    N1     doub Y N 32  
DA  N6    H61    sing N N 33  
DA  N6    H62    sing N N 34  
DA  N1    C2     sing Y N 35  
DA  C2    N3     doub Y N 36  
DA  C2    H2     sing N N 37  
DA  N3    C4     sing Y N 38  
DC  OP3   P      sing N N 39  
DC  OP3   HOP3   sing N N 40  
DC  P     OP1    doub N N 41  
DC  P     OP2    sing N N 42  
DC  P     "O5'"  sing N N 43  
DC  OP2   HOP2   sing N N 44  
DC  "O5'" "C5'"  sing N N 45  
DC  "C5'" "C4'"  sing N N 46  
DC  "C5'" "H5'"  sing N N 47  
DC  "C5'" "H5''" sing N N 48  
DC  "C4'" "O4'"  sing N N 49  
DC  "C4'" "C3'"  sing N N 50  
DC  "C4'" "H4'"  sing N N 51  
DC  "O4'" "C1'"  sing N N 52  
DC  "C3'" "O3'"  sing N N 53  
DC  "C3'" "C2'"  sing N N 54  
DC  "C3'" "H3'"  sing N N 55  
DC  "O3'" "HO3'" sing N N 56  
DC  "C2'" "C1'"  sing N N 57  
DC  "C2'" "H2'"  sing N N 58  
DC  "C2'" "H2''" sing N N 59  
DC  "C1'" N1     sing N N 60  
DC  "C1'" "H1'"  sing N N 61  
DC  N1    C2     sing N N 62  
DC  N1    C6     sing N N 63  
DC  C2    O2     doub N N 64  
DC  C2    N3     sing N N 65  
DC  N3    C4     doub N N 66  
DC  C4    N4     sing N N 67  
DC  C4    C5     sing N N 68  
DC  N4    H41    sing N N 69  
DC  N4    H42    sing N N 70  
DC  C5    C6     doub N N 71  
DC  C5    H5     sing N N 72  
DC  C6    H6     sing N N 73  
DG  OP3   P      sing N N 74  
DG  OP3   HOP3   sing N N 75  
DG  P     OP1    doub N N 76  
DG  P     OP2    sing N N 77  
DG  P     "O5'"  sing N N 78  
DG  OP2   HOP2   sing N N 79  
DG  "O5'" "C5'"  sing N N 80  
DG  "C5'" "C4'"  sing N N 81  
DG  "C5'" "H5'"  sing N N 82  
DG  "C5'" "H5''" sing N N 83  
DG  "C4'" "O4'"  sing N N 84  
DG  "C4'" "C3'"  sing N N 85  
DG  "C4'" "H4'"  sing N N 86  
DG  "O4'" "C1'"  sing N N 87  
DG  "C3'" "O3'"  sing N N 88  
DG  "C3'" "C2'"  sing N N 89  
DG  "C3'" "H3'"  sing N N 90  
DG  "O3'" "HO3'" sing N N 91  
DG  "C2'" "C1'"  sing N N 92  
DG  "C2'" "H2'"  sing N N 93  
DG  "C2'" "H2''" sing N N 94  
DG  "C1'" N9     sing N N 95  
DG  "C1'" "H1'"  sing N N 96  
DG  N9    C8     sing Y N 97  
DG  N9    C4     sing Y N 98  
DG  C8    N7     doub Y N 99  
DG  C8    H8     sing N N 100 
DG  N7    C5     sing Y N 101 
DG  C5    C6     sing N N 102 
DG  C5    C4     doub Y N 103 
DG  C6    O6     doub N N 104 
DG  C6    N1     sing N N 105 
DG  N1    C2     sing N N 106 
DG  N1    H1     sing N N 107 
DG  C2    N2     sing N N 108 
DG  C2    N3     doub N N 109 
DG  N2    H21    sing N N 110 
DG  N2    H22    sing N N 111 
DG  N3    C4     sing N N 112 
DT  OP3   P      sing N N 113 
DT  OP3   HOP3   sing N N 114 
DT  P     OP1    doub N N 115 
DT  P     OP2    sing N N 116 
DT  P     "O5'"  sing N N 117 
DT  OP2   HOP2   sing N N 118 
DT  "O5'" "C5'"  sing N N 119 
DT  "C5'" "C4'"  sing N N 120 
DT  "C5'" "H5'"  sing N N 121 
DT  "C5'" "H5''" sing N N 122 
DT  "C4'" "O4'"  sing N N 123 
DT  "C4'" "C3'"  sing N N 124 
DT  "C4'" "H4'"  sing N N 125 
DT  "O4'" "C1'"  sing N N 126 
DT  "C3'" "O3'"  sing N N 127 
DT  "C3'" "C2'"  sing N N 128 
DT  "C3'" "H3'"  sing N N 129 
DT  "O3'" "HO3'" sing N N 130 
DT  "C2'" "C1'"  sing N N 131 
DT  "C2'" "H2'"  sing N N 132 
DT  "C2'" "H2''" sing N N 133 
DT  "C1'" N1     sing N N 134 
DT  "C1'" "H1'"  sing N N 135 
DT  N1    C2     sing N N 136 
DT  N1    C6     sing N N 137 
DT  C2    O2     doub N N 138 
DT  C2    N3     sing N N 139 
DT  N3    C4     sing N N 140 
DT  N3    H3     sing N N 141 
DT  C4    O4     doub N N 142 
DT  C4    C5     sing N N 143 
DT  C5    C7     sing N N 144 
DT  C5    C6     doub N N 145 
DT  C7    H71    sing N N 146 
DT  C7    H72    sing N N 147 
DT  C7    H73    sing N N 148 
DT  C6    H6     sing N N 149 
HOH O     H1     sing N N 150 
HOH O     H2     sing N N 151 
ULF OP1   P      doub N N 152 
ULF "C8'" "C4'"  sing N N 153 
ULF "C8'" "C6'"  sing N N 154 
ULF "C5'" "C4'"  sing N N 155 
ULF "C5'" "O5'"  sing N N 156 
ULF P     "O5'"  sing N N 157 
ULF P     OP2    sing N N 158 
ULF "C4'" "O4'"  sing N N 159 
ULF "C4'" "C3'"  sing N N 160 
ULF "F7'" "C6'"  sing N N 161 
ULF "O4'" "C1'"  sing N N 162 
ULF "C6'" "C2'"  sing N N 163 
ULF "O3'" "C3'"  sing N N 164 
ULF "C3'" "C2'"  sing N N 165 
ULF "C1'" "C2'"  sing N N 166 
ULF "C1'" N1     sing N N 167 
ULF N1    C6     sing N N 168 
ULF N1    C2     sing N N 169 
ULF C6    C5     doub N N 170 
ULF O2    C2     doub N N 171 
ULF C2    N3     sing N N 172 
ULF C5    C4     sing N N 173 
ULF N3    C4     sing N N 174 
ULF C4    O4     doub N N 175 
ULF "C6'" H1     sing N N 176 
ULF "C8'" H2     sing N N 177 
ULF "C8'" H3     sing N N 178 
ULF "C2'" H4     sing N N 179 
ULF "C3'" H5     sing N N 180 
ULF "O3'" H6     sing N N 181 
ULF "C1'" H7     sing N N 182 
ULF "C5'" H8     sing N N 183 
ULF "C5'" H9     sing N N 184 
ULF C6    H12    sing N N 185 
ULF C5    H13    sing N N 186 
ULF N3    H14    sing N N 187 
ULF P     OP3    sing N N 188 
ULF OP3   H10    sing N N 189 
ULF OP2   H11    sing N N 190 
# 
loop_
_ndb_struct_conf_na.entry_id 
_ndb_struct_conf_na.feature 
4HQH 'a-form double helix' 
4HQH 'internal loop'       
# 
loop_
_ndb_struct_na_base_pair.model_number 
_ndb_struct_na_base_pair.i_label_asym_id 
_ndb_struct_na_base_pair.i_label_comp_id 
_ndb_struct_na_base_pair.i_label_seq_id 
_ndb_struct_na_base_pair.i_symmetry 
_ndb_struct_na_base_pair.j_label_asym_id 
_ndb_struct_na_base_pair.j_label_comp_id 
_ndb_struct_na_base_pair.j_label_seq_id 
_ndb_struct_na_base_pair.j_symmetry 
_ndb_struct_na_base_pair.shear 
_ndb_struct_na_base_pair.stretch 
_ndb_struct_na_base_pair.stagger 
_ndb_struct_na_base_pair.buckle 
_ndb_struct_na_base_pair.propeller 
_ndb_struct_na_base_pair.opening 
_ndb_struct_na_base_pair.pair_number 
_ndb_struct_na_base_pair.pair_name 
_ndb_struct_na_base_pair.i_auth_asym_id 
_ndb_struct_na_base_pair.i_auth_seq_id 
_ndb_struct_na_base_pair.i_PDB_ins_code 
_ndb_struct_na_base_pair.j_auth_asym_id 
_ndb_struct_na_base_pair.j_auth_seq_id 
_ndb_struct_na_base_pair.j_PDB_ins_code 
_ndb_struct_na_base_pair.hbond_type_28 
_ndb_struct_na_base_pair.hbond_type_12 
1 A DG 1  1_555 B DC 10 1_555 -0.243 -0.241 -0.082 1.723  -7.245  -2.478 1 A_DG1:DC20_B  A 1  ? B 20 ? 19 1 
1 A DC 2  1_555 B DG 9  1_555 0.182  -0.108 -0.044 3.313  -8.698  0.625  2 A_DC2:DG19_B  A 2  ? B 19 ? 19 1 
1 A DG 3  1_555 B DC 8  1_555 -0.390 -0.056 0.038  -8.565 -13.179 3.138  3 A_DG3:DC18_B  A 3  ? B 18 ? 19 1 
1 A DT 4  1_555 B DA 7  1_555 -0.147 -0.087 0.130  -7.240 -16.675 -0.488 4 A_DT4:DA17_B  A 4  ? B 17 ? 20 1 
1 A DA 7  1_555 B DT 4  1_555 0.059  -0.175 -0.054 0.091  -16.552 -1.232 5 A_DA7:DT14_B  A 7  ? B 14 ? 20 1 
1 A DC 8  1_555 B DG 3  1_555 0.475  -0.042 0.112  0.376  -12.696 4.306  6 A_DC8:DG13_B  A 8  ? B 13 ? 19 1 
1 A DG 9  1_555 B DC 2  1_555 0.001  -0.142 0.127  -3.062 -5.287  0.741  7 A_DG9:DC12_B  A 9  ? B 12 ? 19 1 
1 A DC 10 1_555 B DG 1  1_555 0.284  -0.182 -0.016 0.373  2.128   -1.489 8 A_DC10:DG11_B A 10 ? B 11 ? 19 1 
# 
loop_
_ndb_struct_na_base_pair_step.model_number 
_ndb_struct_na_base_pair_step.i_label_asym_id_1 
_ndb_struct_na_base_pair_step.i_label_comp_id_1 
_ndb_struct_na_base_pair_step.i_label_seq_id_1 
_ndb_struct_na_base_pair_step.i_symmetry_1 
_ndb_struct_na_base_pair_step.j_label_asym_id_1 
_ndb_struct_na_base_pair_step.j_label_comp_id_1 
_ndb_struct_na_base_pair_step.j_label_seq_id_1 
_ndb_struct_na_base_pair_step.j_symmetry_1 
_ndb_struct_na_base_pair_step.i_label_asym_id_2 
_ndb_struct_na_base_pair_step.i_label_comp_id_2 
_ndb_struct_na_base_pair_step.i_label_seq_id_2 
_ndb_struct_na_base_pair_step.i_symmetry_2 
_ndb_struct_na_base_pair_step.j_label_asym_id_2 
_ndb_struct_na_base_pair_step.j_label_comp_id_2 
_ndb_struct_na_base_pair_step.j_label_seq_id_2 
_ndb_struct_na_base_pair_step.j_symmetry_2 
_ndb_struct_na_base_pair_step.shift 
_ndb_struct_na_base_pair_step.slide 
_ndb_struct_na_base_pair_step.rise 
_ndb_struct_na_base_pair_step.tilt 
_ndb_struct_na_base_pair_step.roll 
_ndb_struct_na_base_pair_step.twist 
_ndb_struct_na_base_pair_step.x_displacement 
_ndb_struct_na_base_pair_step.y_displacement 
_ndb_struct_na_base_pair_step.helical_rise 
_ndb_struct_na_base_pair_step.inclination 
_ndb_struct_na_base_pair_step.tip 
_ndb_struct_na_base_pair_step.helical_twist 
_ndb_struct_na_base_pair_step.step_number 
_ndb_struct_na_base_pair_step.step_name 
_ndb_struct_na_base_pair_step.i_auth_asym_id_1 
_ndb_struct_na_base_pair_step.i_auth_seq_id_1 
_ndb_struct_na_base_pair_step.i_PDB_ins_code_1 
_ndb_struct_na_base_pair_step.j_auth_asym_id_1 
_ndb_struct_na_base_pair_step.j_auth_seq_id_1 
_ndb_struct_na_base_pair_step.j_PDB_ins_code_1 
_ndb_struct_na_base_pair_step.i_auth_asym_id_2 
_ndb_struct_na_base_pair_step.i_auth_seq_id_2 
_ndb_struct_na_base_pair_step.i_PDB_ins_code_2 
_ndb_struct_na_base_pair_step.j_auth_asym_id_2 
_ndb_struct_na_base_pair_step.j_auth_seq_id_2 
_ndb_struct_na_base_pair_step.j_PDB_ins_code_2 
1 A DG 1 1_555 B DC 10 1_555 A DC 2  1_555 B DG 9 1_555 0.538  -1.533 3.289 0.764  0.462  36.307 -2.525 -0.756 3.280 0.741  -1.225 
36.317 1 AA_DG1DC2:DG19DC20_BB  A 1 ? B 20 ? A 2  ? B 19 ? 
1 A DC 2 1_555 B DG 9  1_555 A DG 3  1_555 B DC 8 1_555 0.006  -2.085 3.577 -0.026 5.617  27.055 -5.775 -0.019 3.089 11.845 0.055  
27.621 2 AA_DC2DG3:DC18DG19_BB  A 2 ? B 19 ? A 3  ? B 18 ? 
1 A DG 3 1_555 B DC 8  1_555 A DT 4  1_555 B DA 7 1_555 -1.131 -1.488 3.197 -2.845 5.129  35.168 -3.145 1.452  3.036 8.417  4.668  
35.639 3 AA_DG3DT4:DA17DC18_BB  A 3 ? B 18 ? A 4  ? B 17 ? 
1 A DA 7 1_555 B DT 4  1_555 A DC 8  1_555 B DG 3 1_555 1.041  -1.987 3.251 1.111  2.003  34.851 -3.608 -1.570 3.166 3.340  -1.852 
34.924 4 AA_DA7DC8:DG13DT14_BB  A 7 ? B 14 ? A 8  ? B 13 ? 
1 A DC 8 1_555 B DG 3  1_555 A DG 9  1_555 B DC 2 1_555 -0.537 -2.143 3.282 -0.281 5.170  22.759 -6.946 1.239  2.740 12.888 0.700  
23.333 5 AA_DC8DG9:DC12DG13_BB  A 8 ? B 13 ? A 9  ? B 12 ? 
1 A DG 9 1_555 B DC 2  1_555 A DC 10 1_555 B DG 1 1_555 -0.128 -1.436 3.390 1.655  -2.433 35.921 -1.959 0.453  3.467 -3.937 -2.678 
36.038 6 AA_DG9DC10:DG11DC12_BB A 9 ? B 12 ? A 10 ? B 11 ? 
# 
_pdbx_entity_nonpoly.entity_id   2 
_pdbx_entity_nonpoly.name        water 
_pdbx_entity_nonpoly.comp_id     HOH 
# 
_pdbx_initial_refinement_model.id               1 
_pdbx_initial_refinement_model.entity_id_list   ? 
_pdbx_initial_refinement_model.type             'experimental model' 
_pdbx_initial_refinement_model.source_name      PDB 
_pdbx_initial_refinement_model.accession_code   3EY2 
_pdbx_initial_refinement_model.details          'PDB ID 3EY2' 
# 
